data_7NKZ
#
_entry.id   7NKZ
#
_cell.length_a   1.00
_cell.length_b   1.00
_cell.length_c   1.00
_cell.angle_alpha   90.00
_cell.angle_beta   90.00
_cell.angle_gamma   90.00
#
_symmetry.space_group_name_H-M   'P 1'
#
loop_
_entity.id
_entity.type
_entity.pdbx_description
1 polymer 'Probable integral membrane cytochrome D ubiquinol oxidase (Subunit II) CydB (Cytochrome BD-I oxidase subunit II)'
2 polymer 'Probable integral membrane cytochrome D ubiquinol oxidase (Subunit I) CydA (Cytochrome BD-I oxidase subunit I)'
3 non-polymer 'OXYGEN MOLECULE'
4 non-polymer MENAQUINONE-9
5 non-polymer 'CIS-HEME D HYDROXYCHLORIN GAMMA-SPIROLACTONE'
6 non-polymer 'HEME B/C'
7 water water
#
loop_
_entity_poly.entity_id
_entity_poly.type
_entity_poly.pdbx_seq_one_letter_code
_entity_poly.pdbx_strand_id
1 'polypeptide(L)'
;MVLQELWFGVIAALFLGFFILEGFDFGVGMLMAPFAHVGMGDPETHRRTALNTIGPVWDGNEVWLITAGAAIFAAFPGWY
ATVFSALYLPLLAILFGMILRAVAIEWRGKIDDPKWRTGADFGIAAGSWLPALLWGVAFAILVRGLPVDANGHVALSIPD
VLNAYTLLGGLATAGLFSLYGAVFIALKTSGPIRDDAYRFAVWLSLPVAGLVAGFGLWTQLAYGKDWTWLVLAVAGCAQA
AATVLVWRRVSDGWAFMCTLIVVAAVVVLLFGALYPNLVPSTLNPQWSLTIHNASSTPYTLKIMTWVTAFFAPLTVAYQT
WTYWVFRQRISAERIPPPTGLARRAP
;
B
2 'polypeptide(L)'
;MNVVDISRWQFGITTVYHFIFVPLTIGLAPLIAVMQTLWVVTDNPAWYRLTKFFGKLFLINFAIGVATGIVQEFQFGMNW
SEYSRFVGDVFGAPLAMEGLAAFFFESTFIGLWIFGWNRLPRLVHLACIWIVAIAVNVSAFFIIAANSFMQHPVGAHYNP
TTGRAELSSIVVLLTNNTAQAAFTHTVSGALLTAGTFVAAVSAWWLVRSSTTHADSDTQAMYRPATILGCWVALAATAGL
LFTGDHQGKLMFQQQPMKMASAESLCDTQTDPNFSVLTVGRQNNCDSLTRVIEVPYVLPFLAEGRISGVTLQGIRDLQQE
YQQRFGPNDYRPNLFVTYWSFRMMIGLMAIPVLFALIALWLTRGGQIPNQRWFSWLALLTMPAPFLANSAGWVFTEMGRQ
PWVVVPNPTGDQLVRLTVKAGVSDHSATVVATSLLMFTLVYAVLAVIWCWLLKRYIVEGPLEHDAEPAAHGAPRDDEVAP
LSFAY
;
A
#
loop_
_chem_comp.id
_chem_comp.type
_chem_comp.name
_chem_comp.formula
HDD non-polymer 'CIS-HEME D HYDROXYCHLORIN GAMMA-SPIROLACTONE' 'C34 H32 Fe N4 O5'
HEB non-polymer 'HEME B/C' 'C34 H34 Fe N4 O4'
MQ9 non-polymer MENAQUINONE-9 'C56 H80 O2'
OXY non-polymer 'OXYGEN MOLECULE' O2
#
# COMPACT_ATOMS: atom_id res chain seq x y z
N MET A 1 21.50 17.34 15.90
CA MET A 1 22.36 18.01 14.92
C MET A 1 21.57 18.53 13.72
N VAL A 2 22.28 18.96 12.69
CA VAL A 2 21.67 19.53 11.49
C VAL A 2 20.68 18.62 10.76
N LEU A 3 21.13 17.44 10.32
CA LEU A 3 20.22 16.55 9.60
C LEU A 3 19.00 16.20 10.44
N GLN A 4 19.17 16.06 11.76
CA GLN A 4 18.04 15.76 12.63
C GLN A 4 17.00 16.87 12.61
N GLU A 5 17.46 18.12 12.67
CA GLU A 5 16.53 19.25 12.62
C GLU A 5 15.96 19.45 11.22
N LEU A 6 16.77 19.19 10.18
CA LEU A 6 16.30 19.36 8.81
C LEU A 6 15.18 18.38 8.49
N TRP A 7 15.32 17.13 8.91
CA TRP A 7 14.30 16.13 8.61
C TRP A 7 13.02 16.34 9.41
N PHE A 8 13.07 17.10 10.51
CA PHE A 8 11.84 17.46 11.21
C PHE A 8 10.95 18.31 10.33
N GLY A 9 11.54 19.27 9.59
CA GLY A 9 10.75 20.07 8.67
C GLY A 9 10.34 19.33 7.42
N VAL A 10 11.16 18.37 6.97
CA VAL A 10 10.80 17.58 5.81
C VAL A 10 9.56 16.74 6.09
N ILE A 11 9.51 16.10 7.26
CA ILE A 11 8.31 15.37 7.65
C ILE A 11 7.13 16.33 7.83
N ALA A 12 7.39 17.49 8.43
CA ALA A 12 6.34 18.50 8.54
C ALA A 12 5.88 18.98 7.18
N ALA A 13 6.80 19.15 6.23
CA ALA A 13 6.42 19.52 4.87
C ALA A 13 5.58 18.44 4.20
N LEU A 14 5.92 17.17 4.42
CA LEU A 14 5.11 16.08 3.88
C LEU A 14 3.70 16.11 4.47
N PHE A 15 3.59 16.33 5.78
CA PHE A 15 2.27 16.54 6.38
C PHE A 15 1.66 17.86 5.92
N LEU A 16 2.50 18.87 5.66
CA LEU A 16 1.99 20.12 5.11
C LEU A 16 1.37 19.89 3.74
N GLY A 17 2.08 19.17 2.87
CA GLY A 17 1.53 18.85 1.56
C GLY A 17 0.31 17.97 1.64
N PHE A 18 0.26 17.05 2.61
CA PHE A 18 -0.90 16.20 2.79
C PHE A 18 -2.13 17.01 3.18
N PHE A 19 -1.96 17.98 4.09
CA PHE A 19 -3.09 18.81 4.49
C PHE A 19 -3.52 19.77 3.38
N ILE A 20 -2.56 20.28 2.60
CA ILE A 20 -2.90 21.18 1.51
C ILE A 20 -3.61 20.44 0.38
N LEU A 21 -3.11 19.26 0.01
CA LEU A 21 -3.67 18.56 -1.14
C LEU A 21 -4.87 17.71 -0.77
N GLU A 22 -4.76 16.90 0.28
CA GLU A 22 -5.88 16.08 0.71
C GLU A 22 -6.91 16.86 1.52
N GLY A 23 -6.61 18.11 1.88
CA GLY A 23 -7.56 18.90 2.65
C GLY A 23 -8.85 19.17 1.90
N PHE A 24 -8.73 19.66 0.67
CA PHE A 24 -9.93 19.86 -0.15
C PHE A 24 -10.49 18.56 -0.69
N ASP A 25 -9.66 17.51 -0.76
CA ASP A 25 -10.17 16.19 -1.10
C ASP A 25 -11.16 15.70 -0.06
N PHE A 26 -10.83 15.89 1.22
CA PHE A 26 -11.78 15.57 2.28
C PHE A 26 -12.98 16.49 2.25
N GLY A 27 -12.76 17.78 1.97
CA GLY A 27 -13.87 18.72 1.93
C GLY A 27 -14.90 18.37 0.85
N VAL A 28 -14.42 17.91 -0.30
CA VAL A 28 -15.34 17.47 -1.36
C VAL A 28 -16.16 16.29 -0.89
N GLY A 29 -15.53 15.34 -0.19
CA GLY A 29 -16.23 14.14 0.24
C GLY A 29 -17.37 14.40 1.21
N MET A 30 -17.17 15.33 2.14
CA MET A 30 -18.21 15.65 3.12
C MET A 30 -19.21 16.68 2.60
N LEU A 31 -19.00 17.23 1.40
CA LEU A 31 -19.94 18.17 0.81
C LEU A 31 -20.79 17.56 -0.29
N MET A 32 -20.59 16.28 -0.61
CA MET A 32 -21.41 15.64 -1.63
C MET A 32 -22.84 15.41 -1.13
N ALA A 33 -23.00 15.01 0.13
CA ALA A 33 -24.35 14.78 0.65
C ALA A 33 -25.19 16.04 0.68
N PRO A 34 -24.72 17.19 1.20
CA PRO A 34 -25.55 18.40 1.15
C PRO A 34 -25.80 18.93 -0.25
N PHE A 35 -25.00 18.53 -1.24
CA PHE A 35 -25.22 18.99 -2.61
C PHE A 35 -26.57 18.50 -3.14
N ALA A 36 -26.92 17.24 -2.86
CA ALA A 36 -28.21 16.71 -3.29
C ALA A 36 -29.37 17.43 -2.60
N HIS A 37 -29.23 17.74 -1.32
CA HIS A 37 -30.28 18.43 -0.57
C HIS A 37 -30.38 19.89 -1.01
N GLU A 44 -27.68 13.95 -8.00
CA GLU A 44 -26.79 12.98 -8.62
C GLU A 44 -25.78 13.68 -9.53
N THR A 45 -26.28 14.62 -10.34
CA THR A 45 -25.40 15.37 -11.22
C THR A 45 -24.41 16.22 -10.43
N HIS A 46 -24.87 16.85 -9.35
CA HIS A 46 -23.98 17.66 -8.53
C HIS A 46 -22.94 16.81 -7.82
N ARG A 47 -23.32 15.60 -7.38
CA ARG A 47 -22.37 14.73 -6.72
C ARG A 47 -21.25 14.28 -7.65
N ARG A 48 -21.59 13.96 -8.90
CA ARG A 48 -20.57 13.54 -9.86
C ARG A 48 -19.69 14.72 -10.28
N THR A 49 -20.26 15.92 -10.39
CA THR A 49 -19.47 17.09 -10.75
C THR A 49 -18.43 17.40 -9.68
N ALA A 50 -18.82 17.33 -8.41
CA ALA A 50 -17.88 17.58 -7.32
C ALA A 50 -16.83 16.47 -7.23
N LEU A 51 -17.25 15.22 -7.46
CA LEU A 51 -16.31 14.10 -7.38
C LEU A 51 -15.25 14.18 -8.47
N ASN A 52 -15.63 14.59 -9.69
CA ASN A 52 -14.69 14.68 -10.79
C ASN A 52 -13.66 15.78 -10.61
N THR A 53 -13.90 16.74 -9.71
CA THR A 53 -12.89 17.76 -9.43
C THR A 53 -11.65 17.14 -8.81
N ILE A 54 -11.83 16.18 -7.91
CA ILE A 54 -10.72 15.47 -7.29
C ILE A 54 -10.49 14.11 -7.94
N GLY A 55 -11.04 13.90 -9.14
CA GLY A 55 -10.94 12.64 -9.82
C GLY A 55 -9.52 12.17 -10.11
N PRO A 56 -8.81 12.89 -10.98
CA PRO A 56 -7.46 12.47 -11.37
C PRO A 56 -6.36 12.89 -10.40
N VAL A 57 -6.69 13.37 -9.19
CA VAL A 57 -5.66 13.88 -8.29
C VAL A 57 -5.78 13.25 -6.91
N TRP A 58 -6.89 12.53 -6.65
CA TRP A 58 -7.11 11.99 -5.31
C TRP A 58 -6.05 10.95 -4.95
N ASP A 59 -5.48 10.23 -5.91
CA ASP A 59 -4.55 9.17 -5.57
C ASP A 59 -3.21 9.76 -5.24
N GLY A 60 -2.78 10.71 -6.08
CA GLY A 60 -1.53 11.41 -5.89
C GLY A 60 -1.53 12.19 -4.61
N ASN A 61 -2.66 12.82 -4.29
CA ASN A 61 -2.77 13.62 -3.07
C ASN A 61 -2.58 12.78 -1.83
N GLU A 62 -3.16 11.59 -1.83
CA GLU A 62 -3.09 10.67 -0.72
C GLU A 62 -1.67 10.18 -0.40
N VAL A 63 -0.89 9.92 -1.44
CA VAL A 63 0.47 9.42 -1.26
C VAL A 63 1.33 10.27 -0.32
N TRP A 64 0.97 11.54 -0.19
CA TRP A 64 1.66 12.44 0.74
C TRP A 64 1.53 11.96 2.18
N LEU A 65 0.37 11.43 2.56
CA LEU A 65 0.24 10.79 3.86
C LEU A 65 1.07 9.52 3.95
N ILE A 66 1.06 8.72 2.89
CA ILE A 66 1.87 7.49 2.86
C ILE A 66 3.35 7.82 2.93
N THR A 67 3.79 8.82 2.16
CA THR A 67 5.18 9.23 2.20
C THR A 67 5.55 9.80 3.58
N ALA A 68 4.66 10.60 4.16
CA ALA A 68 4.92 11.16 5.49
C ALA A 68 5.02 10.05 6.53
N GLY A 69 4.14 9.06 6.47
CA GLY A 69 4.20 7.96 7.40
C GLY A 69 5.46 7.12 7.25
N ALA A 70 5.88 6.88 6.01
CA ALA A 70 7.10 6.12 5.78
C ALA A 70 8.35 6.94 6.08
N ALA A 71 8.27 8.26 5.92
CA ALA A 71 9.42 9.11 6.24
C ALA A 71 9.73 9.07 7.74
N ILE A 72 8.67 9.08 8.55
CA ILE A 72 8.80 9.04 10.00
C ILE A 72 9.45 7.73 10.39
N PHE A 73 9.06 6.66 9.72
CA PHE A 73 9.60 5.34 9.98
C PHE A 73 11.11 5.31 9.73
N ALA A 74 11.54 5.97 8.64
CA ALA A 74 12.94 5.99 8.26
C ALA A 74 13.82 7.00 9.01
N ALA A 75 13.28 8.18 9.27
CA ALA A 75 13.99 9.25 9.95
C ALA A 75 13.97 9.11 11.46
N PHE A 76 12.79 8.88 12.04
CA PHE A 76 12.61 8.80 13.50
C PHE A 76 11.90 7.49 13.83
N PRO A 77 12.64 6.39 13.91
CA PRO A 77 11.99 5.10 14.21
C PRO A 77 11.24 5.09 15.53
N GLY A 78 11.74 5.80 16.55
CA GLY A 78 11.01 5.88 17.80
C GLY A 78 9.71 6.65 17.68
N TRP A 79 9.70 7.72 16.90
CA TRP A 79 8.48 8.48 16.68
C TRP A 79 7.44 7.65 15.94
N TYR A 80 7.88 6.88 14.94
CA TYR A 80 6.95 6.06 14.16
C TYR A 80 6.32 4.97 15.03
N ALA A 81 7.10 4.34 15.90
CA ALA A 81 6.65 3.20 16.69
C ALA A 81 5.97 3.62 18.00
N THR A 82 5.86 4.91 18.28
CA THR A 82 5.21 5.39 19.49
C THR A 82 3.83 5.98 19.22
N VAL A 83 3.72 6.90 18.27
CA VAL A 83 2.43 7.53 17.98
C VAL A 83 1.47 6.52 17.39
N PHE A 84 1.93 5.75 16.39
CA PHE A 84 1.04 4.78 15.75
C PHE A 84 0.75 3.58 16.65
N SER A 85 1.54 3.37 17.69
CA SER A 85 1.24 2.31 18.66
C SER A 85 0.30 2.80 19.75
N ALA A 86 0.58 3.98 20.32
CA ALA A 86 -0.30 4.54 21.34
C ALA A 86 -1.67 4.87 20.76
N LEU A 87 -1.70 5.59 19.63
CA LEU A 87 -2.95 5.99 19.00
C LEU A 87 -3.44 4.89 18.05
N TYR A 88 -3.63 3.70 18.64
CA TYR A 88 -4.10 2.56 17.86
C TYR A 88 -5.57 2.71 17.48
N LEU A 89 -6.42 3.12 18.45
CA LEU A 89 -7.84 3.22 18.16
C LEU A 89 -8.17 4.38 17.22
N PRO A 90 -7.72 5.62 17.44
CA PRO A 90 -8.04 6.68 16.48
C PRO A 90 -7.51 6.42 15.08
N LEU A 91 -6.33 5.80 14.97
CA LEU A 91 -5.79 5.49 13.66
C LEU A 91 -6.53 4.32 12.99
N LEU A 92 -7.12 3.42 13.78
CA LEU A 92 -7.86 2.31 13.21
C LEU A 92 -9.06 2.79 12.41
N ALA A 93 -9.79 3.78 12.94
CA ALA A 93 -10.91 4.35 12.20
C ALA A 93 -10.45 5.22 11.03
N ILE A 94 -9.25 5.80 11.12
CA ILE A 94 -8.70 6.53 9.98
C ILE A 94 -8.46 5.58 8.81
N LEU A 95 -7.87 4.41 9.09
CA LEU A 95 -7.65 3.43 8.04
C LEU A 95 -8.96 2.85 7.52
N PHE A 96 -9.96 2.69 8.40
CA PHE A 96 -11.24 2.14 7.96
C PHE A 96 -11.89 3.03 6.92
N GLY A 97 -11.88 4.35 7.13
CA GLY A 97 -12.47 5.27 6.18
C GLY A 97 -11.73 5.34 4.86
N MET A 98 -10.40 5.46 4.96
CA MET A 98 -9.49 5.54 3.81
C MET A 98 -9.65 4.37 2.87
N ILE A 99 -9.78 3.18 3.44
CA ILE A 99 -9.96 1.97 2.64
C ILE A 99 -11.25 2.07 1.83
N LEU A 100 -12.33 2.50 2.47
CA LEU A 100 -13.61 2.63 1.76
C LEU A 100 -13.53 3.69 0.66
N ARG A 101 -12.90 4.83 0.95
CA ARG A 101 -12.81 5.89 -0.04
C ARG A 101 -11.94 5.49 -1.22
N ALA A 102 -10.90 4.67 -0.98
CA ALA A 102 -10.01 4.26 -2.05
C ALA A 102 -10.71 3.37 -3.07
N VAL A 103 -11.80 2.70 -2.69
CA VAL A 103 -12.55 1.86 -3.60
C VAL A 103 -13.89 2.47 -4.00
N ALA A 104 -14.47 3.34 -3.19
CA ALA A 104 -15.77 3.91 -3.52
C ALA A 104 -15.68 4.90 -4.67
N ILE A 105 -14.59 5.67 -4.75
CA ILE A 105 -14.46 6.68 -5.79
C ILE A 105 -14.41 6.03 -7.16
N GLU A 106 -13.62 4.97 -7.31
CA GLU A 106 -13.47 4.30 -8.60
C GLU A 106 -14.68 3.44 -8.94
N TRP A 107 -15.29 2.79 -7.95
CA TRP A 107 -16.37 1.85 -8.19
C TRP A 107 -17.75 2.51 -8.16
N ARG A 108 -17.82 3.83 -7.96
CA ARG A 108 -19.12 4.49 -7.89
C ARG A 108 -19.83 4.44 -9.24
N GLY A 109 -19.10 4.68 -10.33
CA GLY A 109 -19.67 4.69 -11.66
C GLY A 109 -19.64 3.36 -12.39
N LYS A 110 -19.18 2.29 -11.73
CA LYS A 110 -19.12 0.99 -12.38
C LYS A 110 -20.50 0.38 -12.57
N ILE A 111 -21.34 0.52 -11.56
CA ILE A 111 -22.68 -0.04 -11.62
C ILE A 111 -23.69 1.09 -11.57
N ASP A 112 -24.62 1.09 -12.51
CA ASP A 112 -25.63 2.12 -12.53
C ASP A 112 -26.80 1.59 -11.74
N ASP A 113 -26.88 2.01 -10.47
CA ASP A 113 -27.93 1.58 -9.58
C ASP A 113 -27.93 2.52 -8.40
N PRO A 114 -29.09 3.10 -8.08
CA PRO A 114 -29.16 4.05 -6.96
C PRO A 114 -28.70 3.48 -5.64
N LYS A 115 -28.98 2.20 -5.38
CA LYS A 115 -28.48 1.56 -4.17
C LYS A 115 -26.97 1.36 -4.21
N TRP A 116 -26.41 1.10 -5.39
CA TRP A 116 -24.96 0.96 -5.52
C TRP A 116 -24.26 2.27 -5.20
N ARG A 117 -24.79 3.39 -5.69
CA ARG A 117 -24.18 4.69 -5.42
C ARG A 117 -24.38 5.11 -3.97
N THR A 118 -25.47 4.67 -3.34
CA THR A 118 -25.68 4.99 -1.93
C THR A 118 -24.58 4.38 -1.06
N GLY A 119 -24.21 3.13 -1.33
CA GLY A 119 -23.09 2.54 -0.62
C GLY A 119 -21.77 3.19 -0.95
N ALA A 120 -21.58 3.60 -2.21
CA ALA A 120 -20.36 4.29 -2.59
C ALA A 120 -20.25 5.66 -1.91
N ASP A 121 -21.38 6.37 -1.79
CA ASP A 121 -21.37 7.66 -1.11
C ASP A 121 -21.01 7.51 0.36
N PHE A 122 -21.45 6.43 1.01
CA PHE A 122 -21.06 6.18 2.40
C PHE A 122 -19.56 5.96 2.52
N GLY A 123 -18.97 5.22 1.57
CA GLY A 123 -17.53 5.01 1.60
C GLY A 123 -16.75 6.30 1.43
N ILE A 124 -17.19 7.16 0.51
CA ILE A 124 -16.55 8.45 0.33
C ILE A 124 -16.73 9.31 1.58
N ALA A 125 -17.93 9.31 2.16
CA ALA A 125 -18.16 10.07 3.38
C ALA A 125 -17.34 9.52 4.54
N ALA A 126 -17.23 8.19 4.65
CA ALA A 126 -16.41 7.60 5.69
C ALA A 126 -14.94 7.95 5.52
N GLY A 127 -14.49 8.00 4.27
CA GLY A 127 -13.12 8.37 3.97
C GLY A 127 -12.84 9.85 3.95
N SER A 128 -13.84 10.68 4.22
CA SER A 128 -13.67 12.12 4.27
C SER A 128 -14.03 12.74 5.61
N TRP A 129 -14.92 12.11 6.37
CA TRP A 129 -15.29 12.61 7.69
C TRP A 129 -14.32 12.15 8.77
N LEU A 130 -14.03 10.84 8.82
CA LEU A 130 -13.11 10.34 9.84
C LEU A 130 -11.71 10.92 9.69
N PRO A 131 -11.07 10.92 8.50
CA PRO A 131 -9.75 11.55 8.41
C PRO A 131 -9.76 13.03 8.74
N ALA A 132 -10.84 13.74 8.41
CA ALA A 132 -10.90 15.18 8.72
C ALA A 132 -11.00 15.42 10.21
N LEU A 133 -11.72 14.57 10.93
CA LEU A 133 -11.91 14.74 12.37
C LEU A 133 -10.77 14.13 13.19
N LEU A 134 -10.35 12.90 12.87
CA LEU A 134 -9.41 12.20 13.71
C LEU A 134 -7.98 12.70 13.54
N TRP A 135 -7.60 13.13 12.33
CA TRP A 135 -6.26 13.66 12.14
C TRP A 135 -6.05 14.95 12.95
N GLY A 136 -7.06 15.80 13.02
CA GLY A 136 -6.98 16.96 13.90
C GLY A 136 -6.85 16.57 15.36
N VAL A 137 -7.56 15.53 15.78
CA VAL A 137 -7.40 15.02 17.13
C VAL A 137 -6.02 14.39 17.32
N ALA A 138 -5.55 13.65 16.32
CA ALA A 138 -4.26 12.98 16.45
C ALA A 138 -3.12 13.99 16.59
N PHE A 139 -3.15 15.06 15.80
CA PHE A 139 -2.13 16.09 15.94
C PHE A 139 -2.29 16.88 17.22
N ALA A 140 -3.54 17.08 17.68
CA ALA A 140 -3.75 17.75 18.95
C ALA A 140 -3.25 16.91 20.12
N ILE A 141 -3.34 15.58 20.01
CA ILE A 141 -2.82 14.70 21.06
C ILE A 141 -1.31 14.86 21.18
N LEU A 142 -0.61 14.89 20.05
CA LEU A 142 0.85 15.03 20.08
C LEU A 142 1.26 16.36 20.69
N VAL A 143 0.59 17.44 20.32
CA VAL A 143 0.91 18.75 20.90
C VAL A 143 0.61 18.76 22.39
N ARG A 144 -0.54 18.22 22.79
CA ARG A 144 -0.87 18.14 24.20
C ARG A 144 0.09 17.22 24.95
N GLY A 145 0.40 16.06 24.36
CA GLY A 145 1.33 15.13 24.98
C GLY A 145 0.72 13.78 25.26
N LEU A 146 1.56 12.79 25.54
CA LEU A 146 1.14 11.43 25.86
C LEU A 146 1.85 10.96 27.11
N PRO A 147 1.21 10.08 27.90
CA PRO A 147 1.85 9.60 29.13
C PRO A 147 2.98 8.61 28.84
N VAL A 148 4.10 9.11 28.35
CA VAL A 148 5.25 8.28 28.01
C VAL A 148 6.15 8.18 29.25
N ASP A 149 6.49 6.95 29.62
CA ASP A 149 7.36 6.71 30.77
C ASP A 149 8.81 6.57 30.30
N ALA A 150 9.69 6.20 31.23
CA ALA A 150 11.10 6.05 30.89
C ALA A 150 11.34 4.85 29.98
N ASN A 151 10.57 3.78 30.16
CA ASN A 151 10.75 2.57 29.34
C ASN A 151 10.24 2.74 27.92
N GLY A 152 9.54 3.83 27.62
CA GLY A 152 8.99 4.06 26.29
C GLY A 152 7.54 3.68 26.13
N HIS A 153 6.94 3.02 27.12
CA HIS A 153 5.54 2.65 27.04
C HIS A 153 4.65 3.89 27.24
N VAL A 154 3.39 3.76 26.83
CA VAL A 154 2.43 4.85 26.88
C VAL A 154 1.28 4.55 27.83
N ALA A 155 0.66 3.38 27.68
CA ALA A 155 -0.52 2.99 28.47
C ALA A 155 -1.62 4.06 28.32
N LEU A 156 -2.09 4.20 27.09
CA LEU A 156 -3.05 5.24 26.76
C LEU A 156 -4.38 5.02 27.49
N SER A 157 -4.99 6.12 27.93
CA SER A 157 -6.28 6.10 28.60
C SER A 157 -7.30 6.89 27.78
N ILE A 158 -8.57 6.69 28.11
CA ILE A 158 -9.68 7.35 27.42
C ILE A 158 -9.60 8.88 27.56
N PRO A 159 -9.42 9.44 28.77
CA PRO A 159 -9.38 10.91 28.87
C PRO A 159 -8.20 11.55 28.16
N ASP A 160 -7.15 10.80 27.86
CA ASP A 160 -5.99 11.34 27.15
C ASP A 160 -6.24 11.54 25.66
N VAL A 161 -7.36 11.06 25.14
CA VAL A 161 -7.71 11.19 23.72
C VAL A 161 -8.91 12.12 23.53
N LEU A 162 -9.98 11.89 24.28
CA LEU A 162 -11.21 12.67 24.15
C LEU A 162 -11.26 13.67 25.31
N ASN A 163 -10.67 14.85 25.08
CA ASN A 163 -10.71 15.94 26.03
C ASN A 163 -11.16 17.21 25.31
N ALA A 164 -11.17 18.32 26.04
CA ALA A 164 -11.61 19.58 25.46
C ALA A 164 -10.71 20.06 24.33
N TYR A 165 -9.39 19.92 24.50
CA TYR A 165 -8.46 20.44 23.50
C TYR A 165 -8.45 19.58 22.23
N THR A 166 -8.44 18.26 22.37
CA THR A 166 -8.37 17.39 21.19
C THR A 166 -9.67 17.42 20.40
N LEU A 167 -10.81 17.46 21.09
CA LEU A 167 -12.09 17.52 20.38
C LEU A 167 -12.24 18.83 19.62
N LEU A 168 -11.76 19.95 20.19
CA LEU A 168 -11.78 21.22 19.47
C LEU A 168 -10.91 21.16 18.22
N GLY A 169 -9.74 20.52 18.32
CA GLY A 169 -8.87 20.40 17.17
C GLY A 169 -9.47 19.55 16.06
N GLY A 170 -10.18 18.49 16.42
CA GLY A 170 -10.83 17.66 15.40
C GLY A 170 -11.93 18.41 14.67
N LEU A 171 -12.76 19.16 15.41
CA LEU A 171 -13.81 19.95 14.77
C LEU A 171 -13.23 21.08 13.94
N ALA A 172 -12.15 21.70 14.40
CA ALA A 172 -11.55 22.80 13.66
C ALA A 172 -11.00 22.35 12.32
N THR A 173 -10.27 21.23 12.31
CA THR A 173 -9.71 20.72 11.06
C THR A 173 -10.81 20.23 10.12
N ALA A 174 -11.83 19.55 10.67
CA ALA A 174 -12.95 19.10 9.84
C ALA A 174 -13.72 20.29 9.26
N GLY A 175 -13.96 21.31 10.08
CA GLY A 175 -14.62 22.51 9.57
C GLY A 175 -13.76 23.25 8.57
N LEU A 176 -12.46 23.34 8.83
CA LEU A 176 -11.56 24.00 7.89
C LEU A 176 -11.49 23.25 6.57
N PHE A 177 -11.45 21.91 6.63
CA PHE A 177 -11.45 21.11 5.41
C PHE A 177 -12.75 21.28 4.62
N SER A 178 -13.89 21.35 5.31
CA SER A 178 -15.15 21.60 4.63
C SER A 178 -15.14 22.95 3.93
N LEU A 179 -14.62 23.98 4.60
CA LEU A 179 -14.44 25.27 3.94
C LEU A 179 -13.36 25.18 2.86
N TYR A 180 -12.33 24.38 3.09
CA TYR A 180 -11.30 24.18 2.07
C TYR A 180 -11.87 23.56 0.81
N GLY A 181 -12.74 22.55 0.97
CA GLY A 181 -13.38 21.93 -0.18
C GLY A 181 -14.45 22.79 -0.82
N ALA A 182 -15.06 23.70 -0.05
CA ALA A 182 -16.09 24.57 -0.61
C ALA A 182 -15.49 25.55 -1.61
N VAL A 183 -14.36 26.17 -1.27
CA VAL A 183 -13.72 27.10 -2.20
C VAL A 183 -13.01 26.37 -3.33
N PHE A 184 -12.61 25.11 -3.12
CA PHE A 184 -11.98 24.34 -4.19
C PHE A 184 -12.96 23.99 -5.30
N ILE A 185 -14.18 23.60 -4.91
CA ILE A 185 -15.21 23.29 -5.92
C ILE A 185 -15.61 24.55 -6.67
N ALA A 186 -15.73 25.68 -5.95
CA ALA A 186 -16.09 26.94 -6.60
C ALA A 186 -15.05 27.39 -7.61
N LEU A 187 -13.80 26.95 -7.46
CA LEU A 187 -12.75 27.27 -8.40
C LEU A 187 -12.63 26.26 -9.54
N LYS A 188 -12.99 24.99 -9.28
CA LYS A 188 -12.90 23.94 -10.28
C LYS A 188 -14.21 23.69 -11.02
N THR A 189 -15.27 24.44 -10.70
CA THR A 189 -16.57 24.26 -11.34
C THR A 189 -17.13 25.61 -11.74
N SER A 190 -18.11 25.58 -12.63
CA SER A 190 -18.78 26.79 -13.09
C SER A 190 -20.26 26.48 -13.31
N GLY A 191 -21.10 27.47 -13.02
CA GLY A 191 -22.52 27.33 -13.20
C GLY A 191 -23.27 27.18 -11.88
N PRO A 192 -24.41 26.48 -11.91
CA PRO A 192 -25.16 26.28 -10.66
C PRO A 192 -24.38 25.56 -9.59
N ILE A 193 -23.50 24.63 -9.96
CA ILE A 193 -22.70 23.93 -8.97
C ILE A 193 -21.73 24.87 -8.27
N ARG A 194 -21.14 25.82 -9.01
CA ARG A 194 -20.25 26.79 -8.40
C ARG A 194 -20.99 27.68 -7.41
N ASP A 195 -22.22 28.08 -7.74
CA ASP A 195 -23.01 28.90 -6.84
C ASP A 195 -23.33 28.17 -5.54
N ASP A 196 -23.60 26.86 -5.62
CA ASP A 196 -23.87 26.09 -4.41
C ASP A 196 -22.64 25.98 -3.52
N ALA A 197 -21.45 25.98 -4.12
CA ALA A 197 -20.22 25.92 -3.32
C ALA A 197 -20.06 27.18 -2.48
N TYR A 198 -20.36 28.35 -3.05
CA TYR A 198 -20.30 29.59 -2.27
C TYR A 198 -21.40 29.65 -1.23
N ARG A 199 -22.53 28.99 -1.49
CA ARG A 199 -23.63 28.99 -0.51
C ARG A 199 -23.21 28.32 0.78
N PHE A 200 -22.54 27.17 0.70
CA PHE A 200 -22.04 26.51 1.90
C PHE A 200 -20.79 27.19 2.44
N ALA A 201 -20.01 27.83 1.58
CA ALA A 201 -18.81 28.53 2.05
C ALA A 201 -19.17 29.67 3.00
N VAL A 202 -20.24 30.41 2.69
CA VAL A 202 -20.68 31.48 3.59
C VAL A 202 -21.15 30.89 4.92
N TRP A 203 -21.91 29.80 4.87
CA TRP A 203 -22.38 29.16 6.10
C TRP A 203 -21.22 28.52 6.87
N LEU A 204 -20.16 28.13 6.16
CA LEU A 204 -18.96 27.57 6.78
C LEU A 204 -17.85 28.61 6.93
N SER A 205 -18.20 29.90 6.99
CA SER A 205 -17.21 30.95 7.14
C SER A 205 -17.01 31.35 8.60
N LEU A 206 -18.08 31.79 9.26
CA LEU A 206 -17.99 32.27 10.64
C LEU A 206 -17.80 31.11 11.63
N PRO A 207 -18.63 30.05 11.59
CA PRO A 207 -18.40 28.96 12.55
C PRO A 207 -17.04 28.31 12.44
N VAL A 208 -16.51 28.17 11.21
CA VAL A 208 -15.19 27.58 11.04
C VAL A 208 -14.12 28.54 11.54
N ALA A 209 -14.28 29.84 11.29
CA ALA A 209 -13.30 30.81 11.74
C ALA A 209 -13.16 30.81 13.26
N GLY A 210 -14.27 30.68 13.99
CA GLY A 210 -14.20 30.60 15.43
C GLY A 210 -13.51 29.34 15.92
N LEU A 211 -13.72 28.21 15.22
CA LEU A 211 -13.04 26.98 15.60
C LEU A 211 -11.54 27.05 15.35
N VAL A 212 -11.13 27.60 14.19
CA VAL A 212 -9.71 27.75 13.90
C VAL A 212 -9.05 28.75 14.83
N ALA A 213 -9.68 29.91 15.04
CA ALA A 213 -9.12 30.89 15.96
C ALA A 213 -9.07 30.38 17.40
N GLY A 214 -10.13 29.69 17.83
CA GLY A 214 -10.15 29.15 19.18
C GLY A 214 -9.11 28.07 19.39
N PHE A 215 -8.97 27.15 18.43
CA PHE A 215 -7.96 26.11 18.54
C PHE A 215 -6.56 26.67 18.36
N GLY A 216 -6.38 27.64 17.46
CA GLY A 216 -5.07 28.23 17.27
C GLY A 216 -4.61 29.01 18.49
N LEU A 217 -5.51 29.78 19.09
CA LEU A 217 -5.15 30.54 20.29
C LEU A 217 -4.85 29.62 21.46
N TRP A 218 -5.64 28.54 21.61
CA TRP A 218 -5.40 27.59 22.68
C TRP A 218 -4.04 26.92 22.54
N THR A 219 -3.68 26.52 21.31
CA THR A 219 -2.36 25.93 21.08
C THR A 219 -1.24 26.94 21.34
N GLN A 220 -1.44 28.19 20.94
CA GLN A 220 -0.42 29.21 21.13
C GLN A 220 -0.22 29.54 22.61
N LEU A 221 -1.33 29.70 23.35
CA LEU A 221 -1.24 30.10 24.74
C LEU A 221 -0.78 28.97 25.65
N ALA A 222 -0.93 27.72 25.23
CA ALA A 222 -0.56 26.58 26.05
C ALA A 222 0.71 25.88 25.60
N TYR A 223 0.94 25.76 24.29
CA TYR A 223 2.10 25.06 23.77
C TYR A 223 2.89 25.84 22.75
N GLY A 224 2.41 27.00 22.29
CA GLY A 224 3.11 27.76 21.27
C GLY A 224 4.35 28.44 21.81
N LYS A 225 5.15 28.94 20.88
CA LYS A 225 6.40 29.64 21.18
C LYS A 225 6.25 31.12 20.85
N ASP A 226 7.35 31.85 21.03
CA ASP A 226 7.33 33.29 20.75
C ASP A 226 7.24 33.54 19.24
N TRP A 227 7.97 32.76 18.44
CA TRP A 227 7.98 32.97 17.00
C TRP A 227 6.69 32.49 16.34
N THR A 228 5.93 31.61 17.00
CA THR A 228 4.70 31.09 16.41
C THR A 228 3.57 32.10 16.42
N TRP A 229 3.74 33.25 17.10
CA TRP A 229 2.72 34.29 17.07
C TRP A 229 2.52 34.84 15.66
N LEU A 230 3.61 34.97 14.90
CA LEU A 230 3.50 35.43 13.52
C LEU A 230 2.71 34.44 12.67
N VAL A 231 2.91 33.14 12.88
CA VAL A 231 2.16 32.14 12.14
C VAL A 231 0.68 32.25 12.45
N LEU A 232 0.32 32.42 13.72
CA LEU A 232 -1.07 32.62 14.09
C LEU A 232 -1.62 33.92 13.52
N ALA A 233 -0.81 34.98 13.50
CA ALA A 233 -1.25 36.25 12.92
C ALA A 233 -1.53 36.10 11.43
N VAL A 234 -0.68 35.36 10.71
CA VAL A 234 -0.93 35.11 9.30
C VAL A 234 -2.21 34.28 9.13
N ALA A 235 -2.42 33.29 10.00
CA ALA A 235 -3.63 32.48 9.91
C ALA A 235 -4.87 33.32 10.14
N GLY A 236 -4.81 34.24 11.09
CA GLY A 236 -5.93 35.11 11.36
C GLY A 236 -6.20 36.00 10.17
N CYS A 237 -5.15 36.60 9.63
CA CYS A 237 -5.27 37.47 8.47
C CYS A 237 -5.78 36.72 7.26
N ALA A 238 -5.27 35.50 7.06
CA ALA A 238 -5.69 34.68 5.94
C ALA A 238 -7.14 34.28 6.09
N GLN A 239 -7.53 33.92 7.31
CA GLN A 239 -8.92 33.53 7.56
C GLN A 239 -9.87 34.69 7.38
N ALA A 240 -9.48 35.88 7.87
CA ALA A 240 -10.30 37.07 7.64
C ALA A 240 -10.38 37.42 6.16
N ALA A 241 -9.26 37.30 5.44
CA ALA A 241 -9.30 37.53 4.00
C ALA A 241 -10.16 36.48 3.30
N ALA A 242 -10.04 35.21 3.69
CA ALA A 242 -10.87 34.16 3.11
C ALA A 242 -12.33 34.31 3.50
N THR A 243 -12.62 34.82 4.70
CA THR A 243 -14.00 35.02 5.11
C THR A 243 -14.70 36.05 4.23
N VAL A 244 -14.01 37.14 3.89
CA VAL A 244 -14.63 38.20 3.11
C VAL A 244 -14.62 37.91 1.61
N LEU A 245 -13.79 36.97 1.15
CA LEU A 245 -13.72 36.65 -0.27
C LEU A 245 -14.84 35.74 -0.75
N VAL A 246 -15.65 35.19 0.15
CA VAL A 246 -16.74 34.32 -0.26
C VAL A 246 -18.09 35.04 -0.29
N TRP A 247 -18.22 36.10 0.51
CA TRP A 247 -19.47 36.85 0.59
C TRP A 247 -19.72 37.49 -0.75
N ARG A 248 -18.64 37.97 -1.34
CA ARG A 248 -18.64 38.58 -2.65
C ARG A 248 -17.68 37.70 -3.42
N ARG A 249 -18.12 37.06 -4.49
CA ARG A 249 -17.23 36.19 -5.24
C ARG A 249 -16.35 36.90 -6.28
N VAL A 250 -15.49 37.80 -5.80
CA VAL A 250 -14.59 38.53 -6.67
C VAL A 250 -13.55 37.61 -7.31
N SER A 251 -13.04 36.67 -6.51
CA SER A 251 -12.03 35.75 -6.99
C SER A 251 -12.24 34.35 -6.45
N ASP A 252 -11.94 33.36 -7.28
CA ASP A 252 -12.05 31.97 -6.90
C ASP A 252 -10.67 31.54 -6.43
N GLY A 253 -9.66 31.86 -7.23
CA GLY A 253 -8.30 31.52 -6.88
C GLY A 253 -7.80 32.18 -5.61
N TRP A 254 -8.12 33.46 -5.44
CA TRP A 254 -7.68 34.16 -4.24
C TRP A 254 -8.42 33.54 -3.06
N ALA A 255 -9.69 33.27 -3.26
CA ALA A 255 -10.47 32.62 -2.21
C ALA A 255 -9.88 31.26 -1.84
N PHE A 256 -9.47 30.48 -2.84
CA PHE A 256 -8.82 29.20 -2.57
C PHE A 256 -7.43 29.39 -1.99
N MET A 257 -6.68 30.38 -2.47
CA MET A 257 -5.33 30.62 -1.97
C MET A 257 -5.35 31.07 -0.51
N CYS A 258 -6.28 31.95 -0.15
CA CYS A 258 -6.37 32.40 1.23
C CYS A 258 -6.74 31.25 2.17
N THR A 259 -7.67 30.39 1.74
CA THR A 259 -8.00 29.22 2.54
C THR A 259 -6.83 28.25 2.60
N LEU A 260 -6.01 28.19 1.55
CA LEU A 260 -4.82 27.35 1.56
C LEU A 260 -3.83 27.79 2.64
N ILE A 261 -3.67 29.10 2.82
CA ILE A 261 -2.75 29.60 3.83
C ILE A 261 -3.23 29.23 5.23
N VAL A 262 -4.55 29.26 5.45
CA VAL A 262 -5.09 28.91 6.76
C VAL A 262 -4.78 27.45 7.09
N VAL A 263 -4.98 26.55 6.12
CA VAL A 263 -4.64 25.15 6.32
C VAL A 263 -3.13 24.99 6.53
N ALA A 264 -2.34 25.71 5.73
CA ALA A 264 -0.89 25.62 5.87
C ALA A 264 -0.41 26.15 7.21
N ALA A 265 -1.01 27.25 7.70
CA ALA A 265 -0.58 27.82 8.97
C ALA A 265 -0.88 26.90 10.14
N VAL A 266 -1.96 26.13 10.07
CA VAL A 266 -2.28 25.19 11.15
C VAL A 266 -1.19 24.13 11.27
N VAL A 267 -0.73 23.61 10.13
CA VAL A 267 0.33 22.60 10.17
C VAL A 267 1.61 23.18 10.77
N VAL A 268 1.97 24.40 10.36
CA VAL A 268 3.17 25.03 10.91
C VAL A 268 3.00 25.30 12.40
N LEU A 269 1.82 25.77 12.80
CA LEU A 269 1.58 26.05 14.22
C LEU A 269 1.66 24.77 15.06
N LEU A 270 1.07 23.68 14.58
CA LEU A 270 1.12 22.42 15.31
C LEU A 270 2.54 21.88 15.38
N PHE A 271 3.26 21.91 14.25
CA PHE A 271 4.64 21.43 14.25
C PHE A 271 5.58 22.42 14.93
N GLY A 272 5.27 23.71 14.88
CA GLY A 272 6.08 24.69 15.58
C GLY A 272 6.04 24.50 17.08
N ALA A 273 4.86 24.22 17.63
CA ALA A 273 4.73 23.92 19.05
C ALA A 273 5.28 22.54 19.40
N LEU A 274 5.30 21.62 18.44
CA LEU A 274 5.82 20.27 18.66
C LEU A 274 7.31 20.22 18.31
N TYR A 275 8.08 21.08 18.98
CA TYR A 275 9.51 21.19 18.74
C TYR A 275 10.21 21.53 20.04
N PRO A 276 11.34 20.85 20.36
CA PRO A 276 11.92 19.79 19.54
C PRO A 276 11.35 18.41 19.88
N ASN A 277 10.35 18.39 20.76
CA ASN A 277 9.75 17.13 21.19
C ASN A 277 8.90 16.54 20.06
N LEU A 278 8.97 15.21 19.93
CA LEU A 278 8.13 14.47 19.00
C LEU A 278 6.93 13.84 19.69
N VAL A 279 7.16 13.16 20.81
CA VAL A 279 6.08 12.62 21.64
C VAL A 279 6.27 13.14 23.05
N PRO A 280 5.75 14.33 23.37
CA PRO A 280 5.94 14.87 24.73
C PRO A 280 5.33 13.98 25.79
N SER A 281 6.00 13.90 26.94
CA SER A 281 5.56 13.07 28.05
C SER A 281 4.89 13.96 29.09
N THR A 282 3.65 13.63 29.43
CA THR A 282 2.89 14.39 30.42
C THR A 282 3.30 14.07 31.85
N LEU A 283 4.08 13.00 32.07
CA LEU A 283 4.52 12.64 33.41
C LEU A 283 5.87 13.26 33.75
N ASN A 284 6.79 13.30 32.79
CA ASN A 284 8.12 13.85 33.00
C ASN A 284 8.67 14.33 31.67
N PRO A 285 8.96 15.63 31.52
CA PRO A 285 9.47 16.11 30.22
C PRO A 285 10.81 15.53 29.84
N GLN A 286 11.57 15.00 30.79
CA GLN A 286 12.84 14.37 30.45
C GLN A 286 12.64 13.06 29.71
N TRP A 287 11.52 12.39 29.93
CA TRP A 287 11.21 11.14 29.22
C TRP A 287 10.55 11.38 27.87
N SER A 288 10.30 12.62 27.49
CA SER A 288 9.66 12.91 26.22
C SER A 288 10.56 12.51 25.05
N LEU A 289 9.92 12.10 23.95
CA LEU A 289 10.65 11.73 22.74
C LEU A 289 10.96 12.99 21.95
N THR A 290 12.25 13.20 21.65
CA THR A 290 12.71 14.37 20.92
C THR A 290 13.29 13.94 19.58
N ILE A 291 13.81 14.93 18.84
CA ILE A 291 14.44 14.65 17.55
C ILE A 291 15.89 14.19 17.69
N HIS A 292 16.38 14.05 18.92
CA HIS A 292 17.76 13.63 19.16
C HIS A 292 17.88 12.22 19.69
N ASN A 293 17.00 11.80 20.60
CA ASN A 293 17.05 10.47 21.18
C ASN A 293 16.15 9.47 20.47
N ALA A 294 15.42 9.90 19.44
CA ALA A 294 14.53 9.02 18.70
C ALA A 294 14.78 9.05 17.19
N SER A 295 15.88 9.66 16.75
CA SER A 295 16.17 9.78 15.34
C SER A 295 17.07 8.63 14.89
N SER A 296 17.40 8.63 13.59
CA SER A 296 18.30 7.64 13.03
C SER A 296 19.73 8.18 13.02
N THR A 297 20.65 7.37 12.51
CA THR A 297 22.04 7.78 12.40
C THR A 297 22.20 8.84 11.30
N PRO A 298 23.26 9.64 11.38
CA PRO A 298 23.49 10.63 10.31
C PRO A 298 23.63 10.01 8.94
N TYR A 299 24.20 8.81 8.84
CA TYR A 299 24.33 8.16 7.53
C TYR A 299 22.96 7.86 6.93
N THR A 300 22.03 7.35 7.74
CA THR A 300 20.68 7.09 7.24
C THR A 300 19.98 8.39 6.85
N LEU A 301 20.11 9.41 7.69
CA LEU A 301 19.49 10.69 7.40
C LEU A 301 20.16 11.35 6.20
N LYS A 302 21.44 11.05 6.02
CA LYS A 302 22.20 11.61 4.92
C LYS A 302 21.79 10.95 3.61
N ILE A 303 21.73 9.63 3.62
CA ILE A 303 21.33 8.84 2.45
C ILE A 303 19.92 9.20 2.04
N MET A 304 19.01 9.33 3.01
CA MET A 304 17.64 9.74 2.70
C MET A 304 17.56 11.19 2.23
N THR A 305 18.53 12.03 2.62
CA THR A 305 18.51 13.42 2.20
C THR A 305 18.68 13.55 0.69
N TRP A 306 19.63 12.81 0.11
CA TRP A 306 19.84 12.88 -1.33
C TRP A 306 18.63 12.37 -2.10
N VAL A 307 18.02 11.28 -1.63
CA VAL A 307 16.82 10.77 -2.29
C VAL A 307 15.67 11.75 -2.18
N THR A 308 15.48 12.33 -0.99
CA THR A 308 14.41 13.32 -0.82
C THR A 308 14.67 14.58 -1.63
N ALA A 309 15.93 15.04 -1.67
CA ALA A 309 16.26 16.26 -2.40
C ALA A 309 16.12 16.09 -3.91
N PHE A 310 16.00 14.85 -4.40
CA PHE A 310 15.85 14.59 -5.83
C PHE A 310 14.41 14.29 -6.22
N PHE A 311 13.69 13.50 -5.42
CA PHE A 311 12.35 13.08 -5.78
C PHE A 311 11.27 14.02 -5.29
N ALA A 312 11.42 14.59 -4.08
CA ALA A 312 10.40 15.51 -3.58
C ALA A 312 10.27 16.75 -4.44
N PRO A 313 11.35 17.45 -4.84
CA PRO A 313 11.17 18.52 -5.83
C PRO A 313 10.65 18.01 -7.16
N LEU A 314 11.02 16.79 -7.56
CA LEU A 314 10.50 16.23 -8.79
C LEU A 314 9.02 15.87 -8.67
N THR A 315 8.58 15.43 -7.48
CA THR A 315 7.18 15.08 -7.29
C THR A 315 6.28 16.29 -7.50
N VAL A 316 6.66 17.44 -6.93
CA VAL A 316 5.87 18.65 -7.10
C VAL A 316 5.88 19.12 -8.55
N ALA A 317 6.89 18.75 -9.33
CA ALA A 317 6.99 19.21 -10.71
C ALA A 317 5.82 18.69 -11.55
N TYR A 318 5.59 17.37 -11.52
CA TYR A 318 4.51 16.81 -12.32
C TYR A 318 3.16 16.84 -11.61
N GLN A 319 3.15 16.86 -10.27
CA GLN A 319 1.88 17.00 -9.56
C GLN A 319 1.24 18.35 -9.82
N THR A 320 2.06 19.42 -9.83
CA THR A 320 1.55 20.72 -10.23
C THR A 320 1.10 20.73 -11.68
N TRP A 321 1.88 20.08 -12.56
CA TRP A 321 1.48 19.97 -13.96
C TRP A 321 0.21 19.15 -14.12
N THR A 322 -0.02 18.17 -13.24
CA THR A 322 -1.25 17.40 -13.29
C THR A 322 -2.47 18.29 -13.04
N TYR A 323 -2.37 19.19 -12.05
CA TYR A 323 -3.46 20.13 -11.82
C TYR A 323 -3.59 21.12 -12.97
N TRP A 324 -2.48 21.43 -13.65
CA TRP A 324 -2.55 22.33 -14.80
C TRP A 324 -3.25 21.69 -15.98
N VAL A 325 -3.11 20.37 -16.15
CA VAL A 325 -3.79 19.68 -17.25
C VAL A 325 -5.30 19.76 -17.07
N PHE A 326 -5.78 19.50 -15.86
CA PHE A 326 -7.21 19.54 -15.57
C PHE A 326 -7.63 20.85 -14.90
N ARG A 327 -6.98 21.95 -15.26
CA ARG A 327 -7.31 23.25 -14.67
C ARG A 327 -8.65 23.79 -15.18
N GLN A 328 -9.15 23.27 -16.30
CA GLN A 328 -10.41 23.76 -16.85
C GLN A 328 -11.57 23.41 -15.93
N ARG A 329 -12.46 24.38 -15.73
CA ARG A 329 -13.62 24.16 -14.89
C ARG A 329 -14.60 23.21 -15.57
N ILE A 330 -15.23 22.35 -14.77
CA ILE A 330 -16.20 21.38 -15.25
C ILE A 330 -17.58 21.80 -14.76
N SER A 331 -18.57 21.73 -15.65
CA SER A 331 -19.94 22.09 -15.33
C SER A 331 -20.83 20.86 -15.43
N ALA A 332 -22.13 21.07 -15.23
CA ALA A 332 -23.09 19.98 -15.35
C ALA A 332 -23.22 19.48 -16.78
N GLU A 333 -23.04 20.35 -17.78
CA GLU A 333 -23.13 19.94 -19.18
C GLU A 333 -21.88 19.21 -19.65
N ARG A 334 -20.76 19.35 -18.95
CA ARG A 334 -19.53 18.67 -19.30
C ARG A 334 -19.42 17.27 -18.72
N ILE A 335 -20.33 16.89 -17.83
CA ILE A 335 -20.31 15.58 -17.20
C ILE A 335 -20.80 14.55 -18.21
N PRO A 336 -20.01 13.51 -18.49
CA PRO A 336 -20.45 12.47 -19.43
C PRO A 336 -21.61 11.67 -18.86
N PRO A 337 -22.44 11.06 -19.71
CA PRO A 337 -23.52 10.22 -19.19
C PRO A 337 -22.98 9.04 -18.43
N PRO A 338 -23.70 8.57 -17.41
CA PRO A 338 -23.19 7.46 -16.59
C PRO A 338 -23.03 6.17 -17.38
N THR A 339 -21.78 5.72 -17.54
CA THR A 339 -21.48 4.48 -18.24
C THR A 339 -21.30 3.34 -17.23
N GLY A 340 -22.38 3.02 -16.54
CA GLY A 340 -22.38 1.98 -15.52
C GLY A 340 -23.26 0.82 -15.94
N LEU A 341 -22.81 -0.40 -15.62
CA LEU A 341 -23.57 -1.60 -15.96
C LEU A 341 -24.78 -1.75 -15.05
N ALA A 342 -25.77 -2.49 -15.53
CA ALA A 342 -26.98 -2.74 -14.76
C ALA A 342 -26.71 -3.75 -13.66
N ARG A 343 -27.37 -3.56 -12.52
CA ARG A 343 -27.19 -4.46 -11.38
C ARG A 343 -27.94 -5.77 -11.62
N MET B 1 -6.68 -16.54 21.75
CA MET B 1 -5.23 -16.52 21.53
C MET B 1 -4.59 -15.35 22.27
N ASN B 2 -3.26 -15.37 22.37
CA ASN B 2 -2.52 -14.31 23.02
C ASN B 2 -2.36 -13.13 22.06
N VAL B 3 -1.73 -12.06 22.55
CA VAL B 3 -1.57 -10.85 21.76
C VAL B 3 -0.69 -11.11 20.55
N VAL B 4 0.40 -11.88 20.73
CA VAL B 4 1.33 -12.14 19.64
C VAL B 4 0.65 -12.92 18.52
N ASP B 5 -0.11 -13.96 18.87
CA ASP B 5 -0.75 -14.78 17.85
C ASP B 5 -1.79 -13.99 17.07
N ILE B 6 -2.59 -13.17 17.75
CA ILE B 6 -3.59 -12.36 17.06
C ILE B 6 -2.93 -11.35 16.14
N SER B 7 -1.84 -10.73 16.61
CA SER B 7 -1.11 -9.79 15.77
C SER B 7 -0.50 -10.47 14.54
N ARG B 8 -0.01 -11.70 14.71
CA ARG B 8 0.52 -12.43 13.56
C ARG B 8 -0.57 -12.70 12.52
N TRP B 9 -1.75 -13.11 12.97
CA TRP B 9 -2.82 -13.37 12.03
C TRP B 9 -3.24 -12.11 11.31
N GLN B 10 -3.34 -11.00 12.04
CA GLN B 10 -3.75 -9.75 11.43
C GLN B 10 -2.79 -9.25 10.38
N PHE B 11 -1.49 -9.33 10.65
CA PHE B 11 -0.54 -8.85 9.67
C PHE B 11 -0.56 -9.82 8.52
N GLY B 12 -1.02 -11.03 8.81
CA GLY B 12 -1.07 -12.00 7.74
C GLY B 12 -2.29 -11.89 6.85
N ILE B 13 -3.48 -11.86 7.45
CA ILE B 13 -4.72 -11.88 6.67
C ILE B 13 -4.83 -10.62 5.81
N THR B 14 -4.52 -9.46 6.38
CA THR B 14 -4.66 -8.21 5.63
C THR B 14 -3.69 -8.14 4.45
N THR B 15 -2.43 -8.55 4.66
CA THR B 15 -1.45 -8.44 3.59
C THR B 15 -1.62 -9.56 2.56
N VAL B 16 -2.20 -10.69 2.97
CA VAL B 16 -2.56 -11.71 1.99
C VAL B 16 -3.69 -11.20 1.10
N TYR B 17 -4.67 -10.52 1.70
CA TYR B 17 -5.68 -9.83 0.90
C TYR B 17 -5.05 -8.82 -0.04
N HIS B 18 -3.97 -8.18 0.41
CA HIS B 18 -3.27 -7.20 -0.44
C HIS B 18 -2.63 -7.87 -1.65
N PHE B 19 -2.04 -9.05 -1.47
CA PHE B 19 -1.38 -9.75 -2.55
C PHE B 19 -2.34 -10.57 -3.40
N ILE B 20 -3.64 -10.30 -3.30
CA ILE B 20 -4.58 -10.83 -4.28
C ILE B 20 -4.63 -9.96 -5.51
N PHE B 21 -4.48 -8.64 -5.34
CA PHE B 21 -4.61 -7.70 -6.43
C PHE B 21 -3.27 -7.14 -6.89
N VAL B 22 -2.24 -7.21 -6.06
CA VAL B 22 -0.91 -6.70 -6.38
C VAL B 22 -0.30 -7.45 -7.56
N PRO B 23 -0.26 -8.80 -7.57
CA PRO B 23 0.34 -9.48 -8.73
C PRO B 23 -0.38 -9.21 -10.03
N LEU B 24 -1.70 -9.03 -9.99
CA LEU B 24 -2.42 -8.62 -11.20
C LEU B 24 -2.03 -7.21 -11.62
N THR B 25 -1.92 -6.29 -10.66
CA THR B 25 -1.57 -4.92 -11.00
C THR B 25 -0.17 -4.81 -11.59
N ILE B 26 0.79 -5.55 -11.03
CA ILE B 26 2.17 -5.47 -11.50
C ILE B 26 2.30 -5.97 -12.94
N GLY B 27 1.63 -7.09 -13.25
CA GLY B 27 1.76 -7.67 -14.57
C GLY B 27 0.88 -7.05 -15.63
N LEU B 28 -0.31 -6.60 -15.24
CA LEU B 28 -1.28 -6.10 -16.23
C LEU B 28 -0.90 -4.71 -16.73
N ALA B 29 -0.26 -3.89 -15.91
CA ALA B 29 0.08 -2.54 -16.34
C ALA B 29 1.02 -2.52 -17.54
N PRO B 30 2.11 -3.29 -17.59
CA PRO B 30 2.87 -3.37 -18.86
C PRO B 30 2.07 -3.97 -20.00
N LEU B 31 1.16 -4.91 -19.71
CA LEU B 31 0.39 -5.54 -20.78
C LEU B 31 -0.50 -4.52 -21.49
N ILE B 32 -1.21 -3.69 -20.72
CA ILE B 32 -2.03 -2.64 -21.31
C ILE B 32 -1.17 -1.61 -22.02
N ALA B 33 0.02 -1.31 -21.50
CA ALA B 33 0.93 -0.43 -22.21
C ALA B 33 1.34 -1.01 -23.54
N VAL B 34 1.53 -2.33 -23.61
CA VAL B 34 1.84 -2.99 -24.87
C VAL B 34 0.67 -2.85 -25.85
N MET B 35 -0.55 -3.11 -25.38
CA MET B 35 -1.72 -2.98 -26.25
C MET B 35 -1.90 -1.54 -26.74
N GLN B 36 -1.72 -0.58 -25.83
CA GLN B 36 -1.83 0.82 -26.23
C GLN B 36 -0.70 1.25 -27.17
N THR B 37 0.52 0.73 -26.93
CA THR B 37 1.63 1.05 -27.83
C THR B 37 1.38 0.49 -29.23
N LEU B 38 0.86 -0.74 -29.32
CA LEU B 38 0.55 -1.32 -30.62
C LEU B 38 -0.55 -0.54 -31.35
N TRP B 39 -1.51 0.00 -30.60
CA TRP B 39 -2.55 0.81 -31.22
C TRP B 39 -1.99 2.09 -31.82
N VAL B 40 -1.01 2.70 -31.16
CA VAL B 40 -0.40 3.92 -31.69
C VAL B 40 0.43 3.62 -32.93
N VAL B 41 1.16 2.49 -32.92
CA VAL B 41 2.06 2.19 -34.03
C VAL B 41 1.30 1.59 -35.21
N THR B 42 0.52 0.54 -34.95
CA THR B 42 -0.15 -0.18 -36.03
C THR B 42 -1.46 0.46 -36.45
N ASP B 43 -1.98 1.42 -35.68
CA ASP B 43 -3.27 2.06 -35.95
C ASP B 43 -4.38 1.03 -36.11
N ASN B 44 -4.34 -0.01 -35.26
CA ASN B 44 -5.32 -1.08 -35.30
C ASN B 44 -6.39 -0.82 -34.27
N PRO B 45 -7.64 -0.62 -34.65
CA PRO B 45 -8.70 -0.37 -33.65
C PRO B 45 -8.96 -1.56 -32.74
N ALA B 46 -8.55 -2.77 -33.14
CA ALA B 46 -8.73 -3.93 -32.29
C ALA B 46 -7.94 -3.79 -30.98
N TRP B 47 -6.71 -3.29 -31.06
CA TRP B 47 -5.91 -3.07 -29.86
C TRP B 47 -6.47 -1.95 -29.00
N TYR B 48 -7.14 -0.96 -29.60
CA TYR B 48 -7.74 0.11 -28.81
C TYR B 48 -8.84 -0.42 -27.91
N ARG B 49 -9.68 -1.31 -28.43
CA ARG B 49 -10.74 -1.89 -27.61
C ARG B 49 -10.17 -2.80 -26.52
N LEU B 50 -9.07 -3.51 -26.82
CA LEU B 50 -8.41 -4.32 -25.79
C LEU B 50 -7.87 -3.44 -24.68
N THR B 51 -7.31 -2.28 -25.03
CA THR B 51 -6.83 -1.34 -24.02
C THR B 51 -7.97 -0.83 -23.15
N LYS B 52 -9.11 -0.53 -23.75
CA LYS B 52 -10.25 -0.04 -22.98
C LYS B 52 -10.88 -1.16 -22.16
N PHE B 53 -10.91 -2.37 -22.69
CA PHE B 53 -11.55 -3.49 -21.99
C PHE B 53 -10.71 -3.94 -20.80
N PHE B 54 -9.45 -4.33 -21.06
CA PHE B 54 -8.58 -4.77 -19.97
C PHE B 54 -8.17 -3.60 -19.08
N GLY B 55 -8.14 -2.39 -19.62
CA GLY B 55 -7.87 -1.23 -18.78
C GLY B 55 -8.95 -0.98 -17.75
N LYS B 56 -10.19 -1.25 -18.13
CA LYS B 56 -11.32 -1.10 -17.23
C LYS B 56 -11.14 -2.06 -16.07
N LEU B 57 -10.81 -3.31 -16.37
CA LEU B 57 -10.58 -4.31 -15.35
C LEU B 57 -9.38 -3.97 -14.47
N PHE B 58 -8.35 -3.33 -15.07
CA PHE B 58 -7.19 -2.92 -14.30
C PHE B 58 -7.55 -1.86 -13.25
N LEU B 59 -8.40 -0.90 -13.63
CA LEU B 59 -8.79 0.15 -12.70
C LEU B 59 -9.57 -0.41 -11.51
N ILE B 60 -10.44 -1.40 -11.76
CA ILE B 60 -11.15 -2.03 -10.66
C ILE B 60 -10.18 -2.72 -9.71
N ASN B 61 -9.20 -3.44 -10.27
CA ASN B 61 -8.18 -4.08 -9.45
C ASN B 61 -7.22 -3.07 -8.82
N PHE B 62 -6.91 -1.99 -9.54
CA PHE B 62 -5.98 -0.99 -9.01
C PHE B 62 -6.56 -0.27 -7.79
N ALA B 63 -7.85 0.06 -7.81
CA ALA B 63 -8.46 0.79 -6.71
C ALA B 63 -8.42 -0.01 -5.42
N ILE B 64 -8.77 -1.29 -5.48
CA ILE B 64 -8.73 -2.14 -4.29
C ILE B 64 -7.31 -2.52 -3.92
N GLY B 65 -6.39 -2.50 -4.89
CA GLY B 65 -4.99 -2.72 -4.57
C GLY B 65 -4.40 -1.61 -3.72
N VAL B 66 -4.79 -0.37 -3.99
CA VAL B 66 -4.35 0.75 -3.17
C VAL B 66 -4.95 0.67 -1.77
N ALA B 67 -6.23 0.32 -1.70
CA ALA B 67 -6.92 0.31 -0.40
C ALA B 67 -6.31 -0.73 0.54
N THR B 68 -5.96 -1.90 0.03
CA THR B 68 -5.41 -2.97 0.87
C THR B 68 -3.98 -2.71 1.27
N GLY B 69 -3.30 -1.74 0.67
CA GLY B 69 -1.93 -1.44 1.04
C GLY B 69 -1.80 -0.28 2.02
N ILE B 70 -2.90 0.43 2.24
CA ILE B 70 -2.87 1.59 3.13
C ILE B 70 -2.57 1.15 4.56
N VAL B 71 -3.24 0.09 5.03
CA VAL B 71 -3.05 -0.37 6.40
C VAL B 71 -1.61 -0.83 6.61
N GLN B 72 -1.05 -1.54 5.62
CA GLN B 72 0.29 -2.11 5.77
C GLN B 72 1.34 -1.03 6.04
N GLU B 73 1.13 0.18 5.50
CA GLU B 73 2.12 1.25 5.70
C GLU B 73 2.27 1.63 7.16
N PHE B 74 1.16 1.77 7.88
CA PHE B 74 1.20 2.10 9.30
C PHE B 74 1.06 0.88 10.20
N GLN B 75 0.82 -0.31 9.64
CA GLN B 75 0.65 -1.50 10.44
C GLN B 75 1.89 -1.86 11.23
N PHE B 76 3.08 -1.46 10.73
CA PHE B 76 4.31 -1.79 11.42
C PHE B 76 4.40 -1.08 12.78
N GLY B 77 3.93 0.16 12.86
CA GLY B 77 4.00 0.88 14.12
C GLY B 77 2.85 0.59 15.05
N MET B 78 1.75 0.05 14.52
CA MET B 78 0.58 -0.22 15.34
C MET B 78 0.71 -1.54 16.10
N ASN B 79 1.13 -2.60 15.42
CA ASN B 79 1.18 -3.93 16.02
C ASN B 79 2.60 -4.46 16.22
N TRP B 80 3.61 -3.78 15.70
CA TRP B 80 5.00 -4.22 15.78
C TRP B 80 5.91 -3.08 16.17
N SER B 81 5.52 -2.34 17.23
CA SER B 81 6.29 -1.18 17.65
C SER B 81 7.70 -1.58 18.07
N GLU B 82 7.84 -2.68 18.81
CA GLU B 82 9.17 -3.15 19.19
C GLU B 82 10.00 -3.55 17.98
N TYR B 83 9.37 -4.22 17.00
CA TYR B 83 10.09 -4.55 15.77
C TYR B 83 10.45 -3.30 14.97
N SER B 84 9.56 -2.30 14.96
CA SER B 84 9.83 -1.09 14.20
C SER B 84 11.04 -0.33 14.73
N ARG B 85 11.20 -0.26 16.05
CA ARG B 85 12.35 0.44 16.62
C ARG B 85 13.66 -0.28 16.30
N PHE B 86 13.65 -1.61 16.33
CA PHE B 86 14.89 -2.37 16.17
C PHE B 86 15.50 -2.17 14.79
N VAL B 87 14.67 -2.15 13.74
CA VAL B 87 15.15 -2.08 12.37
C VAL B 87 14.74 -0.78 11.69
N GLY B 88 14.27 0.21 12.45
CA GLY B 88 13.84 1.46 11.85
C GLY B 88 14.94 2.19 11.11
N ASP B 89 16.18 2.09 11.60
CA ASP B 89 17.31 2.71 10.92
C ASP B 89 17.59 2.06 9.57
N VAL B 90 17.21 0.81 9.38
CA VAL B 90 17.47 0.08 8.14
C VAL B 90 16.19 -0.18 7.36
N PHE B 91 15.17 -0.72 8.03
CA PHE B 91 13.94 -1.16 7.35
C PHE B 91 13.14 0.01 6.81
N GLY B 92 13.21 1.19 7.44
CA GLY B 92 12.41 2.31 7.02
C GLY B 92 12.86 2.96 5.73
N ALA B 93 14.15 2.83 5.37
CA ALA B 93 14.65 3.46 4.16
C ALA B 93 14.00 2.91 2.89
N PRO B 94 13.94 1.59 2.67
CA PRO B 94 13.25 1.11 1.46
C PRO B 94 11.77 1.46 1.42
N LEU B 95 11.09 1.47 2.57
CA LEU B 95 9.68 1.84 2.59
C LEU B 95 9.49 3.31 2.21
N ALA B 96 10.33 4.19 2.73
CA ALA B 96 10.21 5.62 2.42
C ALA B 96 10.68 5.94 1.02
N MET B 97 11.79 5.33 0.57
CA MET B 97 12.29 5.61 -0.77
C MET B 97 11.32 5.18 -1.85
N GLU B 98 10.55 4.12 -1.60
CA GLU B 98 9.51 3.70 -2.54
C GLU B 98 8.36 4.70 -2.59
N GLY B 99 8.17 5.50 -1.54
CA GLY B 99 7.10 6.47 -1.52
C GLY B 99 7.27 7.61 -2.51
N LEU B 100 8.48 8.14 -2.61
CA LEU B 100 8.75 9.26 -3.50
C LEU B 100 9.23 8.82 -4.88
N ALA B 101 9.68 7.58 -5.04
CA ALA B 101 10.20 7.10 -6.31
C ALA B 101 9.23 6.23 -7.09
N ALA B 102 8.30 5.57 -6.42
CA ALA B 102 7.35 4.72 -7.14
C ALA B 102 5.90 5.01 -6.81
N PHE B 103 5.58 5.30 -5.55
CA PHE B 103 4.19 5.54 -5.18
C PHE B 103 3.69 6.87 -5.73
N PHE B 104 4.53 7.90 -5.70
CA PHE B 104 4.13 9.20 -6.23
C PHE B 104 3.93 9.15 -7.74
N PHE B 105 4.69 8.31 -8.45
CA PHE B 105 4.59 8.26 -9.90
C PHE B 105 3.36 7.46 -10.34
N GLU B 106 3.18 6.26 -9.78
CA GLU B 106 2.10 5.39 -10.23
C GLU B 106 0.73 5.85 -9.77
N SER B 107 0.66 6.74 -8.78
CA SER B 107 -0.62 7.25 -8.32
C SER B 107 -0.99 8.58 -8.97
N THR B 108 0.01 9.37 -9.37
CA THR B 108 -0.29 10.62 -10.06
C THR B 108 -0.55 10.39 -11.55
N PHE B 109 0.26 9.54 -12.19
CA PHE B 109 0.11 9.28 -13.62
C PHE B 109 -1.05 8.34 -13.93
N ILE B 110 -1.55 7.59 -12.95
CA ILE B 110 -2.74 6.78 -13.20
C ILE B 110 -3.95 7.67 -13.40
N GLY B 111 -4.04 8.78 -12.68
CA GLY B 111 -5.11 9.74 -12.92
C GLY B 111 -5.01 10.41 -14.27
N LEU B 112 -3.78 10.68 -14.73
CA LEU B 112 -3.58 11.23 -16.06
C LEU B 112 -4.01 10.26 -17.15
N TRP B 113 -3.78 8.96 -16.93
CA TRP B 113 -4.16 7.96 -17.92
C TRP B 113 -5.67 7.78 -17.99
N ILE B 114 -6.36 7.86 -16.86
CA ILE B 114 -7.81 7.65 -16.85
C ILE B 114 -8.53 8.82 -17.51
N PHE B 115 -8.16 10.05 -17.14
CA PHE B 115 -8.88 11.24 -17.57
C PHE B 115 -8.16 11.99 -18.69
N GLY B 116 -7.12 11.39 -19.27
CA GLY B 116 -6.36 12.07 -20.30
C GLY B 116 -6.47 11.44 -21.68
N TRP B 117 -7.52 10.67 -21.91
CA TRP B 117 -7.70 10.02 -23.20
C TRP B 117 -7.95 11.05 -24.30
N ASN B 118 -8.76 12.07 -24.03
CA ASN B 118 -9.08 13.10 -25.00
C ASN B 118 -8.43 14.44 -24.71
N ARG B 119 -7.69 14.55 -23.60
CA ARG B 119 -7.04 15.80 -23.23
C ARG B 119 -5.55 15.79 -23.52
N LEU B 120 -4.84 14.72 -23.14
CA LEU B 120 -3.41 14.63 -23.38
C LEU B 120 -3.13 14.12 -24.79
N PRO B 121 -1.97 14.47 -25.35
CA PRO B 121 -1.59 13.93 -26.66
C PRO B 121 -1.37 12.42 -26.59
N ARG B 122 -1.46 11.78 -27.75
CA ARG B 122 -1.32 10.32 -27.80
C ARG B 122 0.05 9.87 -27.30
N LEU B 123 1.12 10.56 -27.70
CA LEU B 123 2.44 10.21 -27.20
C LEU B 123 2.57 10.46 -25.71
N VAL B 124 2.03 11.57 -25.21
CA VAL B 124 2.10 11.87 -23.79
C VAL B 124 1.22 10.91 -22.99
N HIS B 125 0.02 10.62 -23.49
CA HIS B 125 -0.87 9.70 -22.79
C HIS B 125 -0.31 8.29 -22.77
N LEU B 126 0.40 7.88 -23.84
CA LEU B 126 1.03 6.57 -23.86
C LEU B 126 2.12 6.46 -22.80
N ALA B 127 2.90 7.53 -22.60
CA ALA B 127 3.94 7.51 -21.57
C ALA B 127 3.36 7.45 -20.16
N CYS B 128 2.13 7.92 -19.97
CA CYS B 128 1.53 7.88 -18.64
C CYS B 128 1.33 6.45 -18.14
N ILE B 129 0.84 5.57 -19.02
CA ILE B 129 0.65 4.18 -18.62
C ILE B 129 1.97 3.42 -18.55
N TRP B 130 3.00 3.85 -19.30
CA TRP B 130 4.30 3.21 -19.19
C TRP B 130 4.99 3.57 -17.88
N ILE B 131 4.82 4.81 -17.41
CA ILE B 131 5.38 5.20 -16.12
C ILE B 131 4.74 4.39 -15.00
N VAL B 132 3.41 4.22 -15.06
CA VAL B 132 2.74 3.38 -14.08
C VAL B 132 3.23 1.94 -14.16
N ALA B 133 3.41 1.44 -15.40
CA ALA B 133 3.89 0.07 -15.57
C ALA B 133 5.30 -0.11 -15.04
N ILE B 134 6.10 0.96 -15.02
CA ILE B 134 7.45 0.89 -14.46
C ILE B 134 7.44 1.12 -12.96
N ALA B 135 6.62 2.06 -12.48
CA ALA B 135 6.62 2.40 -11.06
C ALA B 135 6.12 1.25 -10.20
N VAL B 136 5.21 0.43 -10.72
CA VAL B 136 4.75 -0.72 -9.95
C VAL B 136 5.87 -1.72 -9.75
N ASN B 137 6.76 -1.88 -10.74
CA ASN B 137 7.94 -2.71 -10.56
C ASN B 137 8.95 -2.07 -9.62
N VAL B 138 9.08 -0.73 -9.67
CA VAL B 138 9.97 -0.04 -8.75
C VAL B 138 9.48 -0.19 -7.31
N SER B 139 8.17 -0.04 -7.11
CA SER B 139 7.61 -0.23 -5.77
C SER B 139 7.80 -1.66 -5.28
N ALA B 140 7.69 -2.64 -6.17
CA ALA B 140 7.91 -4.03 -5.78
C ALA B 140 9.35 -4.26 -5.34
N PHE B 141 10.32 -3.62 -6.00
CA PHE B 141 11.72 -3.84 -5.68
C PHE B 141 12.05 -3.34 -4.27
N PHE B 142 11.64 -2.13 -3.94
CA PHE B 142 11.97 -1.56 -2.63
C PHE B 142 11.24 -2.28 -1.50
N ILE B 143 9.97 -2.64 -1.72
CA ILE B 143 9.22 -3.34 -0.69
C ILE B 143 9.71 -4.77 -0.50
N ILE B 144 10.33 -5.37 -1.52
CA ILE B 144 10.90 -6.70 -1.37
C ILE B 144 12.27 -6.63 -0.72
N ALA B 145 13.07 -5.63 -1.08
CA ALA B 145 14.39 -5.46 -0.47
C ALA B 145 14.27 -5.24 1.04
N ALA B 146 13.25 -4.50 1.48
CA ALA B 146 13.02 -4.33 2.92
C ALA B 146 12.68 -5.66 3.57
N ASN B 147 11.83 -6.47 2.91
CA ASN B 147 11.52 -7.80 3.44
C ASN B 147 12.72 -8.73 3.30
N SER B 148 13.54 -8.55 2.26
CA SER B 148 14.73 -9.37 2.11
C SER B 148 15.75 -9.08 3.20
N PHE B 149 15.73 -7.87 3.77
CA PHE B 149 16.56 -7.60 4.94
C PHE B 149 16.18 -8.49 6.11
N MET B 150 14.89 -8.77 6.27
CA MET B 150 14.46 -9.72 7.28
C MET B 150 15.02 -11.12 7.00
N GLN B 151 14.95 -11.55 5.74
CA GLN B 151 15.42 -12.88 5.39
C GLN B 151 16.93 -12.98 5.40
N HIS B 152 17.61 -11.94 4.93
CA HIS B 152 19.07 -11.94 4.85
C HIS B 152 19.57 -10.53 5.11
N PRO B 153 19.80 -10.17 6.37
CA PRO B 153 20.24 -8.81 6.69
C PRO B 153 21.68 -8.58 6.28
N VAL B 154 21.89 -7.55 5.46
CA VAL B 154 23.23 -7.18 4.99
C VAL B 154 23.40 -5.67 5.16
N GLY B 155 24.64 -5.24 5.29
CA GLY B 155 24.94 -3.83 5.44
C GLY B 155 24.38 -3.20 6.69
N ALA B 156 24.37 -3.93 7.80
CA ALA B 156 23.84 -3.40 9.06
C ALA B 156 24.66 -3.95 10.22
N HIS B 157 24.77 -3.14 11.26
CA HIS B 157 25.48 -3.51 12.48
C HIS B 157 24.55 -3.39 13.68
N TYR B 158 24.84 -4.17 14.72
CA TYR B 158 23.98 -4.19 15.89
C TYR B 158 24.09 -2.91 16.71
N ASN B 159 25.29 -2.35 16.82
CA ASN B 159 25.54 -1.14 17.62
C ASN B 159 25.02 -1.34 19.04
N PRO B 160 25.71 -2.13 19.87
CA PRO B 160 25.18 -2.47 21.20
C PRO B 160 24.94 -1.29 22.12
N THR B 161 25.32 -0.08 21.69
CA THR B 161 25.04 1.11 22.49
C THR B 161 23.54 1.31 22.65
N THR B 162 22.78 1.10 21.58
CA THR B 162 21.33 1.18 21.60
C THR B 162 20.73 -0.11 21.07
N GLY B 163 19.53 -0.44 21.54
CA GLY B 163 18.89 -1.69 21.17
C GLY B 163 18.19 -1.64 19.83
N ARG B 164 18.94 -1.38 18.77
CA ARG B 164 18.36 -1.34 17.43
C ARG B 164 19.45 -1.59 16.40
N ALA B 165 19.05 -2.16 15.26
CA ALA B 165 19.96 -2.39 14.16
C ALA B 165 20.11 -1.11 13.35
N GLU B 166 21.35 -0.80 12.96
CA GLU B 166 21.66 0.46 12.30
C GLU B 166 22.23 0.20 10.91
N LEU B 167 21.80 1.01 9.94
CA LEU B 167 22.23 0.84 8.56
C LEU B 167 23.69 1.26 8.40
N SER B 168 24.46 0.45 7.68
CA SER B 168 25.86 0.74 7.38
C SER B 168 26.08 1.16 5.94
N SER B 169 25.44 0.49 4.98
CA SER B 169 25.59 0.83 3.57
C SER B 169 24.25 0.62 2.88
N ILE B 170 23.77 1.65 2.18
CA ILE B 170 22.50 1.54 1.47
C ILE B 170 22.66 0.72 0.19
N VAL B 171 23.85 0.74 -0.41
CA VAL B 171 24.07 -0.03 -1.64
C VAL B 171 23.97 -1.52 -1.36
N VAL B 172 24.57 -1.98 -0.26
CA VAL B 172 24.52 -3.40 0.09
C VAL B 172 23.09 -3.83 0.39
N LEU B 173 22.32 -2.99 1.08
CA LEU B 173 20.93 -3.33 1.37
C LEU B 173 20.10 -3.48 0.10
N LEU B 174 20.28 -2.56 -0.85
CA LEU B 174 19.50 -2.61 -2.09
C LEU B 174 20.00 -3.70 -3.03
N THR B 175 21.30 -4.00 -3.03
CA THR B 175 21.88 -5.01 -3.89
C THR B 175 22.01 -6.36 -3.20
N ASN B 176 21.12 -6.66 -2.26
CA ASN B 176 21.13 -7.94 -1.59
C ASN B 176 20.82 -9.06 -2.57
N ASN B 177 21.50 -10.20 -2.41
CA ASN B 177 21.26 -11.34 -3.29
C ASN B 177 19.84 -11.86 -3.14
N THR B 178 19.33 -11.89 -1.90
CA THR B 178 17.94 -12.28 -1.68
C THR B 178 16.97 -11.27 -2.28
N ALA B 179 17.29 -9.97 -2.21
CA ALA B 179 16.40 -8.96 -2.76
C ALA B 179 16.27 -9.08 -4.27
N GLN B 180 17.39 -9.21 -4.98
CA GLN B 180 17.34 -9.33 -6.43
C GLN B 180 16.65 -10.62 -6.86
N ALA B 181 16.95 -11.74 -6.18
CA ALA B 181 16.33 -13.01 -6.54
C ALA B 181 14.82 -12.97 -6.30
N ALA B 182 14.40 -12.39 -5.19
CA ALA B 182 12.96 -12.35 -4.88
C ALA B 182 12.23 -11.33 -5.74
N PHE B 183 12.89 -10.22 -6.09
CA PHE B 183 12.24 -9.21 -6.94
C PHE B 183 11.96 -9.76 -8.33
N THR B 184 12.97 -10.34 -8.97
CA THR B 184 12.79 -10.91 -10.30
C THR B 184 11.83 -12.10 -10.29
N HIS B 185 11.75 -12.82 -9.17
CA HIS B 185 10.83 -13.95 -9.07
C HIS B 185 9.39 -13.47 -8.88
N THR B 186 9.18 -12.45 -8.05
CA THR B 186 7.84 -11.93 -7.85
C THR B 186 7.31 -11.25 -9.11
N VAL B 187 8.17 -10.51 -9.80
CA VAL B 187 7.77 -9.89 -11.06
C VAL B 187 7.43 -10.95 -12.09
N SER B 188 8.24 -12.00 -12.17
CA SER B 188 7.90 -13.14 -13.04
C SER B 188 6.60 -13.80 -12.59
N GLY B 189 6.39 -13.88 -11.27
CA GLY B 189 5.12 -14.39 -10.77
C GLY B 189 3.95 -13.48 -11.09
N ALA B 190 4.17 -12.17 -11.04
CA ALA B 190 3.11 -11.22 -11.39
C ALA B 190 2.76 -11.28 -12.86
N LEU B 191 3.76 -11.47 -13.72
CA LEU B 191 3.49 -11.59 -15.15
C LEU B 191 2.65 -12.82 -15.46
N LEU B 192 2.90 -13.93 -14.76
CA LEU B 192 2.08 -15.12 -14.94
C LEU B 192 0.64 -14.87 -14.52
N THR B 193 0.43 -14.14 -13.43
CA THR B 193 -0.92 -13.85 -12.97
C THR B 193 -1.70 -13.03 -13.99
N ALA B 194 -1.09 -11.99 -14.52
CA ALA B 194 -1.75 -11.16 -15.53
C ALA B 194 -1.76 -11.83 -16.90
N GLY B 195 -0.69 -12.54 -17.26
CA GLY B 195 -0.67 -13.25 -18.53
C GLY B 195 -1.75 -14.30 -18.62
N THR B 196 -1.95 -15.07 -17.54
CA THR B 196 -3.06 -16.01 -17.49
C THR B 196 -4.40 -15.28 -17.48
N PHE B 197 -4.49 -14.17 -16.75
CA PHE B 197 -5.75 -13.44 -16.67
C PHE B 197 -6.17 -12.92 -18.03
N VAL B 198 -5.23 -12.35 -18.78
CA VAL B 198 -5.55 -11.85 -20.12
C VAL B 198 -5.90 -13.01 -21.04
N ALA B 199 -5.12 -14.08 -21.00
CA ALA B 199 -5.36 -15.22 -21.88
C ALA B 199 -6.69 -15.91 -21.55
N ALA B 200 -6.98 -16.11 -20.26
CA ALA B 200 -8.20 -16.82 -19.89
C ALA B 200 -9.45 -16.03 -20.26
N VAL B 201 -9.45 -14.72 -20.01
CA VAL B 201 -10.61 -13.90 -20.36
C VAL B 201 -10.77 -13.84 -21.88
N SER B 202 -9.67 -13.65 -22.61
CA SER B 202 -9.75 -13.59 -24.07
C SER B 202 -10.18 -14.93 -24.64
N ALA B 203 -9.65 -16.04 -24.12
CA ALA B 203 -10.05 -17.36 -24.59
C ALA B 203 -11.50 -17.66 -24.24
N TRP B 204 -11.97 -17.15 -23.09
CA TRP B 204 -13.37 -17.33 -22.72
C TRP B 204 -14.30 -16.64 -23.71
N TRP B 205 -13.91 -15.47 -24.21
CA TRP B 205 -14.74 -14.77 -25.19
C TRP B 205 -14.66 -15.41 -26.57
N LEU B 206 -13.55 -16.08 -26.90
CA LEU B 206 -13.44 -16.75 -28.19
C LEU B 206 -14.48 -17.85 -28.32
N VAL B 207 -14.68 -18.64 -27.27
CA VAL B 207 -15.70 -19.67 -27.29
C VAL B 207 -17.09 -19.04 -27.25
N ARG B 208 -17.26 -17.98 -26.46
CA ARG B 208 -18.54 -17.30 -26.38
C ARG B 208 -18.92 -16.67 -27.70
N SER B 209 -17.96 -16.04 -28.39
CA SER B 209 -18.25 -15.43 -29.68
C SER B 209 -18.60 -16.48 -30.73
N SER B 210 -17.87 -17.60 -30.74
CA SER B 210 -18.14 -18.65 -31.71
C SER B 210 -19.51 -19.28 -31.47
N THR B 211 -19.89 -19.49 -30.22
CA THR B 211 -21.18 -20.09 -29.89
C THR B 211 -22.30 -19.08 -30.04
N ASP B 217 -13.91 -7.21 -35.60
CA ASP B 217 -14.65 -8.37 -35.09
C ASP B 217 -14.13 -8.76 -33.71
N THR B 218 -15.04 -9.23 -32.87
CA THR B 218 -14.67 -9.62 -31.51
C THR B 218 -13.67 -10.80 -31.52
N GLN B 219 -13.87 -11.74 -32.43
CA GLN B 219 -12.97 -12.89 -32.55
C GLN B 219 -11.58 -12.42 -32.95
N ALA B 220 -11.53 -11.46 -33.87
CA ALA B 220 -10.27 -10.87 -34.32
C ALA B 220 -9.56 -10.16 -33.17
N MET B 221 -10.35 -9.48 -32.34
CA MET B 221 -9.82 -8.76 -31.19
C MET B 221 -9.29 -9.63 -30.03
N TYR B 222 -10.04 -10.65 -29.61
CA TYR B 222 -9.57 -11.46 -28.49
C TYR B 222 -8.56 -12.52 -28.89
N ARG B 223 -8.46 -12.86 -30.17
CA ARG B 223 -7.44 -13.83 -30.59
C ARG B 223 -6.02 -13.29 -30.41
N PRO B 224 -5.68 -12.08 -30.86
CA PRO B 224 -4.33 -11.57 -30.57
C PRO B 224 -4.04 -11.45 -29.08
N ALA B 225 -5.05 -11.12 -28.27
CA ALA B 225 -4.84 -11.06 -26.83
C ALA B 225 -4.60 -12.44 -26.23
N THR B 226 -5.27 -13.46 -26.77
CA THR B 226 -5.01 -14.82 -26.31
C THR B 226 -3.58 -15.24 -26.60
N ILE B 227 -3.08 -14.94 -27.80
CA ILE B 227 -1.70 -15.27 -28.15
C ILE B 227 -0.73 -14.51 -27.27
N LEU B 228 -0.98 -13.21 -27.07
CA LEU B 228 -0.10 -12.41 -26.23
C LEU B 228 -0.12 -12.88 -24.79
N GLY B 229 -1.32 -13.19 -24.26
CA GLY B 229 -1.42 -13.63 -22.88
C GLY B 229 -0.76 -14.98 -22.64
N CYS B 230 -0.92 -15.92 -23.57
CA CYS B 230 -0.33 -17.24 -23.40
C CYS B 230 1.19 -17.21 -23.46
N TRP B 231 1.75 -16.42 -24.39
CA TRP B 231 3.21 -16.35 -24.50
C TRP B 231 3.82 -15.64 -23.30
N VAL B 232 3.14 -14.62 -22.77
CA VAL B 232 3.62 -13.97 -21.55
C VAL B 232 3.60 -14.95 -20.38
N ALA B 233 2.54 -15.74 -20.26
CA ALA B 233 2.47 -16.75 -19.21
C ALA B 233 3.57 -17.79 -19.36
N LEU B 234 3.82 -18.24 -20.60
CA LEU B 234 4.91 -19.18 -20.83
C LEU B 234 6.26 -18.53 -20.56
N ALA B 235 6.44 -17.27 -20.98
CA ALA B 235 7.67 -16.56 -20.66
C ALA B 235 7.84 -16.36 -19.16
N ALA B 236 6.75 -16.05 -18.46
CA ALA B 236 6.80 -15.92 -17.01
C ALA B 236 7.11 -17.27 -16.35
N THR B 237 6.57 -18.36 -16.90
CA THR B 237 6.88 -19.68 -16.37
C THR B 237 8.37 -19.99 -16.48
N ALA B 238 8.98 -19.66 -17.63
CA ALA B 238 10.42 -19.82 -17.77
C ALA B 238 11.18 -18.94 -16.80
N GLY B 239 10.73 -17.70 -16.60
CA GLY B 239 11.36 -16.83 -15.63
C GLY B 239 11.20 -17.34 -14.21
N LEU B 240 10.04 -17.92 -13.90
CA LEU B 240 9.82 -18.47 -12.56
C LEU B 240 10.73 -19.66 -12.29
N LEU B 241 11.02 -20.46 -13.32
CA LEU B 241 11.95 -21.57 -13.14
C LEU B 241 13.38 -21.08 -12.90
N PHE B 242 13.83 -20.09 -13.67
CA PHE B 242 15.18 -19.57 -13.51
C PHE B 242 15.33 -18.83 -12.20
N THR B 243 14.39 -17.92 -11.91
CA THR B 243 14.44 -17.19 -10.63
C THR B 243 14.13 -18.11 -9.46
N GLY B 244 13.25 -19.09 -9.65
CA GLY B 244 13.02 -20.09 -8.62
C GLY B 244 14.25 -20.93 -8.33
N ASP B 245 15.08 -21.17 -9.35
CA ASP B 245 16.34 -21.85 -9.14
C ASP B 245 17.37 -20.95 -8.47
N HIS B 246 17.26 -19.64 -8.65
CA HIS B 246 18.18 -18.76 -7.98
C HIS B 246 17.80 -18.66 -6.50
N GLN B 247 16.51 -18.61 -6.21
CA GLN B 247 16.03 -18.50 -4.83
C GLN B 247 16.24 -19.70 -3.90
N GLY B 248 16.09 -20.92 -4.42
CA GLY B 248 16.28 -22.11 -3.59
C GLY B 248 17.70 -22.21 -3.08
N LYS B 249 18.65 -21.87 -3.94
CA LYS B 249 20.05 -21.90 -3.58
C LYS B 249 20.32 -20.90 -2.47
N LEU B 250 19.72 -19.71 -2.58
CA LEU B 250 19.86 -18.68 -1.56
C LEU B 250 19.28 -19.14 -0.23
N MET B 251 18.15 -19.82 -0.31
CA MET B 251 17.47 -20.37 0.84
C MET B 251 18.33 -21.39 1.56
N PHE B 252 19.06 -22.21 0.81
CA PHE B 252 19.93 -23.23 1.40
C PHE B 252 21.03 -22.76 2.37
N GLN B 253 21.75 -21.68 2.02
CA GLN B 253 22.85 -21.13 2.78
C GLN B 253 22.45 -19.98 3.70
N GLN B 254 21.23 -19.46 3.59
CA GLN B 254 20.77 -18.36 4.43
C GLN B 254 19.80 -18.83 5.51
N GLN B 255 18.80 -19.62 5.15
CA GLN B 255 17.81 -20.13 6.10
C GLN B 255 17.71 -21.65 5.95
N PRO B 256 18.62 -22.39 6.57
CA PRO B 256 18.53 -23.86 6.51
C PRO B 256 17.23 -24.41 7.10
N MET B 257 16.65 -23.71 8.08
CA MET B 257 15.36 -24.13 8.62
C MET B 257 14.27 -24.08 7.55
N LYS B 258 14.25 -23.01 6.75
CA LYS B 258 13.22 -22.89 5.72
C LYS B 258 13.43 -23.88 4.58
N MET B 259 14.69 -24.18 4.24
CA MET B 259 14.96 -25.18 3.21
C MET B 259 14.45 -26.55 3.63
N ALA B 260 14.70 -26.95 4.88
CA ALA B 260 14.14 -28.20 5.39
C ALA B 260 12.65 -28.09 5.67
N SER B 261 12.13 -26.87 5.82
CA SER B 261 10.71 -26.68 6.06
C SER B 261 9.88 -27.07 4.84
N ALA B 262 10.40 -26.80 3.63
CA ALA B 262 9.73 -27.24 2.41
C ALA B 262 9.81 -28.73 2.18
N GLU B 263 10.60 -29.43 2.99
CA GLU B 263 10.75 -30.88 2.90
C GLU B 263 10.21 -31.61 4.11
N SER B 264 10.16 -30.90 5.25
CA SER B 264 9.80 -31.44 6.56
C SER B 264 10.85 -32.49 6.92
N LEU B 265 12.09 -32.18 6.54
CA LEU B 265 13.25 -33.03 6.80
C LEU B 265 13.47 -33.14 8.31
N CYS B 266 13.76 -34.33 8.81
CA CYS B 266 13.97 -34.41 10.24
C CYS B 266 15.42 -34.72 10.62
N ASP B 267 16.12 -35.50 9.79
CA ASP B 267 17.51 -35.80 10.11
C ASP B 267 18.38 -35.41 8.93
N THR B 268 19.67 -35.20 9.21
CA THR B 268 20.63 -34.80 8.18
C THR B 268 20.95 -36.00 7.30
N GLN B 269 20.31 -36.08 6.14
CA GLN B 269 20.53 -37.15 5.18
C GLN B 269 21.09 -36.56 3.88
N THR B 270 21.93 -37.35 3.21
CA THR B 270 22.54 -36.92 1.96
C THR B 270 21.60 -37.25 0.81
N ASP B 271 21.32 -36.25 -0.03
CA ASP B 271 20.43 -36.36 -1.18
C ASP B 271 19.05 -36.85 -0.77
N PRO B 272 18.27 -36.03 -0.07
CA PRO B 272 16.94 -36.45 0.36
C PRO B 272 15.97 -36.50 -0.82
N ASN B 273 14.89 -37.25 -0.62
CA ASN B 273 13.85 -37.43 -1.63
C ASN B 273 12.71 -36.47 -1.37
N PHE B 274 12.29 -35.76 -2.42
CA PHE B 274 11.19 -34.81 -2.32
C PHE B 274 9.87 -35.57 -2.35
N SER B 275 9.09 -35.44 -1.29
CA SER B 275 7.81 -36.15 -1.17
C SER B 275 6.67 -35.24 -1.62
N VAL B 276 5.84 -35.75 -2.54
CA VAL B 276 4.72 -34.98 -3.05
C VAL B 276 3.65 -34.81 -1.99
N LEU B 277 3.33 -35.88 -1.26
CA LEU B 277 2.27 -35.86 -0.27
C LEU B 277 2.78 -36.42 1.05
N THR B 278 2.19 -35.95 2.15
CA THR B 278 2.54 -36.40 3.49
C THR B 278 1.30 -36.33 4.37
N VAL B 279 0.92 -37.46 4.96
CA VAL B 279 -0.27 -37.53 5.80
C VAL B 279 0.01 -37.09 7.24
N GLY B 280 -1.04 -36.71 7.94
CA GLY B 280 -0.92 -36.29 9.33
C GLY B 280 -0.87 -34.77 9.47
N ARG B 281 -1.00 -34.33 10.72
CA ARG B 281 -0.95 -32.91 11.04
C ARG B 281 0.47 -32.37 11.08
N GLN B 282 1.46 -33.25 11.00
CA GLN B 282 2.88 -32.87 11.02
C GLN B 282 3.30 -32.03 12.23
N ASN B 283 3.01 -32.51 13.43
CA ASN B 283 3.39 -31.83 14.65
C ASN B 283 4.86 -32.14 14.93
N ASN B 284 5.10 -33.32 15.49
CA ASN B 284 6.45 -33.79 15.85
C ASN B 284 7.46 -34.03 14.72
N CYS B 285 6.96 -34.47 13.55
CA CYS B 285 7.68 -34.82 12.28
C CYS B 285 8.31 -36.22 12.24
N ASP B 286 8.52 -36.83 13.40
CA ASP B 286 9.12 -38.15 13.45
C ASP B 286 8.31 -39.25 12.74
N SER B 287 6.99 -39.16 12.85
CA SER B 287 6.09 -40.17 12.28
C SER B 287 5.57 -39.88 10.87
N LEU B 288 6.13 -38.88 10.20
CA LEU B 288 5.69 -38.51 8.85
C LEU B 288 5.71 -39.66 7.85
N THR B 289 4.72 -39.66 6.96
CA THR B 289 4.60 -40.66 5.92
C THR B 289 4.75 -39.97 4.57
N ARG B 290 5.62 -40.50 3.71
CA ARG B 290 5.87 -39.89 2.41
C ARG B 290 5.28 -40.67 1.24
N VAL B 291 4.64 -39.94 0.34
CA VAL B 291 4.02 -40.53 -0.84
C VAL B 291 4.63 -39.94 -2.12
N ILE B 292 4.89 -40.79 -3.11
CA ILE B 292 5.45 -40.38 -4.39
C ILE B 292 6.78 -39.62 -4.36
N GLU B 293 7.72 -40.10 -3.56
CA GLU B 293 9.03 -39.46 -3.47
C GLU B 293 9.76 -39.36 -4.82
N VAL B 294 9.94 -38.14 -5.30
CA VAL B 294 10.60 -37.83 -6.56
C VAL B 294 12.03 -37.37 -6.25
N PRO B 295 13.05 -38.12 -6.64
CA PRO B 295 14.43 -37.72 -6.37
C PRO B 295 14.90 -36.67 -7.38
N TYR B 296 16.16 -36.25 -7.21
CA TYR B 296 16.83 -35.30 -8.08
C TYR B 296 16.10 -33.95 -8.14
N VAL B 297 15.40 -33.59 -7.08
CA VAL B 297 14.69 -32.32 -7.00
C VAL B 297 15.27 -31.43 -5.91
N LEU B 298 15.31 -31.94 -4.68
CA LEU B 298 15.91 -31.16 -3.59
C LEU B 298 17.40 -30.93 -3.79
N PRO B 299 18.22 -31.93 -4.18
CA PRO B 299 19.61 -31.64 -4.52
C PRO B 299 19.77 -30.57 -5.58
N PHE B 300 18.90 -30.56 -6.60
CA PHE B 300 19.04 -29.59 -7.68
C PHE B 300 18.63 -28.19 -7.23
N LEU B 301 17.66 -28.07 -6.33
CA LEU B 301 17.23 -26.78 -5.82
C LEU B 301 18.13 -26.24 -4.71
N ALA B 302 18.82 -27.12 -3.99
CA ALA B 302 19.61 -26.68 -2.84
C ALA B 302 20.97 -26.14 -3.26
N GLU B 303 21.72 -26.94 -4.01
CA GLU B 303 23.04 -26.50 -4.46
C GLU B 303 23.16 -26.50 -5.98
N GLY B 304 22.07 -26.84 -6.66
CA GLY B 304 22.07 -26.83 -8.11
C GLY B 304 22.57 -28.11 -8.76
N ARG B 305 22.90 -29.10 -7.94
CA ARG B 305 23.38 -30.38 -8.45
C ARG B 305 22.50 -31.51 -7.94
N ILE B 306 22.21 -32.46 -8.80
CA ILE B 306 21.35 -33.60 -8.45
C ILE B 306 21.88 -34.50 -7.33
N SER B 307 23.19 -34.71 -7.29
CA SER B 307 23.76 -35.59 -6.27
C SER B 307 24.86 -34.93 -5.45
N GLY B 308 25.12 -35.49 -4.26
CA GLY B 308 26.15 -34.97 -3.38
C GLY B 308 25.77 -33.81 -2.48
N VAL B 309 24.48 -33.52 -2.36
CA VAL B 309 24.03 -32.41 -1.53
C VAL B 309 23.46 -32.91 -0.20
N THR B 310 24.01 -32.39 0.90
CA THR B 310 23.55 -32.75 2.24
C THR B 310 22.73 -31.61 2.84
N LEU B 311 21.60 -31.96 3.43
CA LEU B 311 20.69 -30.99 4.01
C LEU B 311 20.49 -31.30 5.48
N GLN B 312 20.71 -30.29 6.32
CA GLN B 312 20.51 -30.46 7.75
C GLN B 312 19.02 -30.58 8.08
N GLY B 313 18.72 -31.51 8.98
CA GLY B 313 17.34 -31.73 9.38
C GLY B 313 16.84 -30.67 10.33
N ILE B 314 15.50 -30.61 10.46
CA ILE B 314 14.89 -29.64 11.36
C ILE B 314 15.27 -29.94 12.80
N ARG B 315 15.29 -31.22 13.16
CA ARG B 315 15.67 -31.62 14.51
C ARG B 315 17.13 -31.27 14.77
N ASP B 316 17.99 -31.55 13.80
CA ASP B 316 19.41 -31.23 13.96
C ASP B 316 19.63 -29.72 14.07
N LEU B 317 18.91 -28.94 13.27
CA LEU B 317 19.03 -27.49 13.33
C LEU B 317 18.39 -26.91 14.59
N GLN B 318 17.48 -27.64 15.22
CA GLN B 318 16.81 -27.13 16.42
C GLN B 318 17.80 -26.97 17.57
N GLN B 319 18.57 -28.01 17.85
CA GLN B 319 19.58 -27.91 18.91
C GLN B 319 20.74 -27.01 18.53
N GLU B 320 21.07 -26.94 17.24
CA GLU B 320 22.15 -26.05 16.81
C GLU B 320 21.82 -24.59 17.08
N TYR B 321 20.57 -24.19 16.79
CA TYR B 321 20.16 -22.82 17.06
C TYR B 321 20.05 -22.51 18.54
N GLN B 322 19.80 -23.53 19.38
CA GLN B 322 19.72 -23.31 20.81
C GLN B 322 21.08 -23.02 21.43
N GLN B 323 22.17 -23.46 20.79
CA GLN B 323 23.51 -23.23 21.32
C GLN B 323 24.05 -21.84 20.99
N ARG B 324 23.39 -21.10 20.10
CA ARG B 324 23.83 -19.76 19.72
C ARG B 324 22.84 -18.66 20.02
N PHE B 325 21.53 -18.95 19.94
CA PHE B 325 20.50 -17.95 20.19
C PHE B 325 19.73 -18.19 21.47
N GLY B 326 20.05 -19.24 22.22
CA GLY B 326 19.38 -19.52 23.47
C GLY B 326 18.23 -20.50 23.31
N PRO B 327 17.65 -20.91 24.43
CA PRO B 327 16.53 -21.87 24.37
C PRO B 327 15.28 -21.22 23.79
N ASN B 328 14.85 -21.74 22.64
CA ASN B 328 13.65 -21.23 21.98
C ASN B 328 13.13 -22.31 21.03
N ASP B 329 11.88 -22.15 20.62
CA ASP B 329 11.24 -23.08 19.69
C ASP B 329 11.42 -22.52 18.29
N TYR B 330 12.48 -22.96 17.62
CA TYR B 330 12.79 -22.51 16.27
C TYR B 330 12.10 -23.33 15.19
N ARG B 331 11.09 -24.13 15.56
CA ARG B 331 10.39 -24.98 14.60
C ARG B 331 9.24 -24.20 13.98
N PRO B 332 9.24 -23.97 12.67
CA PRO B 332 8.11 -23.27 12.03
C PRO B 332 6.88 -24.17 11.95
N ASN B 333 5.78 -23.62 11.46
CA ASN B 333 4.55 -24.41 11.29
C ASN B 333 4.77 -25.43 10.18
N LEU B 334 5.05 -26.66 10.54
CA LEU B 334 5.32 -27.69 9.53
C LEU B 334 4.17 -27.97 8.59
N PHE B 335 2.95 -28.07 9.10
CA PHE B 335 1.81 -28.37 8.23
C PHE B 335 1.57 -27.24 7.23
N VAL B 336 1.62 -26.00 7.69
CA VAL B 336 1.32 -24.87 6.81
C VAL B 336 2.40 -24.72 5.75
N THR B 337 3.66 -24.74 6.16
CA THR B 337 4.76 -24.51 5.22
C THR B 337 4.91 -25.65 4.22
N TYR B 338 4.63 -26.89 4.65
CA TYR B 338 4.76 -28.03 3.75
C TYR B 338 3.73 -27.95 2.62
N TRP B 339 2.46 -27.75 2.96
CA TRP B 339 1.41 -27.74 1.95
C TRP B 339 1.36 -26.44 1.16
N SER B 340 1.73 -25.32 1.79
CA SER B 340 1.84 -24.07 1.03
C SER B 340 2.96 -24.14 0.00
N PHE B 341 3.91 -25.06 0.18
CA PHE B 341 4.97 -25.25 -0.81
C PHE B 341 4.54 -26.22 -1.90
N ARG B 342 3.71 -27.20 -1.60
CA ARG B 342 3.25 -28.05 -2.67
C ARG B 342 2.38 -27.16 -3.56
N MET B 343 1.63 -26.28 -2.92
CA MET B 343 0.71 -25.38 -3.59
C MET B 343 1.37 -24.38 -4.53
N MET B 344 2.48 -23.78 -4.13
CA MET B 344 3.13 -22.83 -5.01
C MET B 344 3.61 -23.52 -6.28
N ILE B 345 4.27 -24.66 -6.10
CA ILE B 345 4.78 -25.46 -7.22
C ILE B 345 3.76 -26.18 -8.10
N GLY B 346 2.77 -26.82 -7.47
CA GLY B 346 1.79 -27.62 -8.18
C GLY B 346 0.89 -26.83 -9.09
N LEU B 347 0.62 -25.61 -8.65
CA LEU B 347 -0.22 -24.65 -9.35
C LEU B 347 0.45 -24.05 -10.58
N MET B 348 1.55 -24.63 -11.06
CA MET B 348 2.09 -24.26 -12.36
C MET B 348 1.42 -25.00 -13.50
N ALA B 349 0.94 -26.22 -13.27
CA ALA B 349 0.40 -27.04 -14.34
C ALA B 349 -0.83 -26.42 -14.99
N ILE B 350 -1.74 -25.86 -14.20
CA ILE B 350 -2.99 -25.32 -14.74
C ILE B 350 -2.71 -24.15 -15.68
N PRO B 351 -1.92 -23.15 -15.24
CA PRO B 351 -1.60 -22.02 -16.10
C PRO B 351 -0.77 -22.45 -17.30
N VAL B 352 0.29 -23.21 -17.05
CA VAL B 352 1.13 -23.69 -18.13
C VAL B 352 0.33 -24.62 -19.04
N LEU B 353 -0.49 -25.47 -18.44
CA LEU B 353 -1.31 -26.39 -19.21
C LEU B 353 -2.30 -25.63 -20.09
N PHE B 354 -2.93 -24.60 -19.54
CA PHE B 354 -3.88 -23.81 -20.30
C PHE B 354 -3.23 -23.06 -21.45
N ALA B 355 -2.05 -22.50 -21.21
CA ALA B 355 -1.35 -21.74 -22.22
C ALA B 355 -0.97 -22.61 -23.41
N LEU B 356 -0.50 -23.83 -23.13
CA LEU B 356 -0.12 -24.76 -24.17
C LEU B 356 -1.30 -25.17 -25.04
N ILE B 357 -2.44 -25.41 -24.41
CA ILE B 357 -3.64 -25.83 -25.12
C ILE B 357 -4.21 -24.71 -25.98
N ALA B 358 -4.37 -23.54 -25.38
CA ALA B 358 -4.91 -22.37 -26.07
C ALA B 358 -4.11 -22.05 -27.32
N LEU B 359 -2.78 -22.13 -27.23
CA LEU B 359 -1.95 -21.92 -28.40
C LEU B 359 -2.14 -23.00 -29.46
N TRP B 360 -2.39 -24.24 -29.03
CA TRP B 360 -2.62 -25.32 -29.99
C TRP B 360 -3.98 -25.19 -30.67
N LEU B 361 -4.99 -24.69 -29.97
CA LEU B 361 -6.31 -24.54 -30.56
C LEU B 361 -6.44 -23.28 -31.41
N THR B 362 -5.49 -22.36 -31.33
CA THR B 362 -5.53 -21.12 -32.09
C THR B 362 -4.46 -21.05 -33.17
N ARG B 363 -3.92 -22.20 -33.58
CA ARG B 363 -2.89 -22.22 -34.61
C ARG B 363 -3.49 -21.95 -35.98
N GLY B 364 -2.77 -21.18 -36.78
CA GLY B 364 -3.22 -20.87 -38.14
C GLY B 364 -4.54 -20.13 -38.21
N GLY B 365 -4.78 -19.22 -37.27
CA GLY B 365 -6.00 -18.45 -37.27
C GLY B 365 -7.23 -19.18 -36.82
N GLN B 366 -7.09 -20.39 -36.28
CA GLN B 366 -8.25 -21.16 -35.84
C GLN B 366 -8.87 -20.52 -34.59
N ILE B 367 -10.20 -20.58 -34.53
CA ILE B 367 -10.97 -20.03 -33.42
C ILE B 367 -11.55 -21.22 -32.65
N PRO B 368 -11.14 -21.44 -31.39
CA PRO B 368 -11.69 -22.56 -30.64
C PRO B 368 -13.16 -22.35 -30.30
N ASN B 369 -13.89 -23.47 -30.19
CA ASN B 369 -15.30 -23.42 -29.86
C ASN B 369 -15.72 -24.50 -28.87
N GLN B 370 -14.76 -25.23 -28.28
CA GLN B 370 -15.11 -26.29 -27.35
C GLN B 370 -15.65 -25.71 -26.04
N ARG B 371 -16.70 -26.34 -25.52
CA ARG B 371 -17.28 -25.88 -24.26
C ARG B 371 -16.35 -26.14 -23.08
N TRP B 372 -15.64 -27.27 -23.08
CA TRP B 372 -14.72 -27.57 -21.99
C TRP B 372 -13.55 -26.59 -21.96
N PHE B 373 -13.13 -26.10 -23.12
CA PHE B 373 -12.05 -25.11 -23.15
C PHE B 373 -12.48 -23.81 -22.49
N SER B 374 -13.73 -23.39 -22.68
CA SER B 374 -14.23 -22.19 -22.01
C SER B 374 -14.23 -22.37 -20.50
N TRP B 375 -14.64 -23.55 -20.02
CA TRP B 375 -14.62 -23.83 -18.59
C TRP B 375 -13.20 -23.98 -18.06
N LEU B 376 -12.26 -24.44 -18.89
CA LEU B 376 -10.88 -24.58 -18.46
C LEU B 376 -10.27 -23.22 -18.13
N ALA B 377 -10.59 -22.20 -18.94
CA ALA B 377 -10.05 -20.86 -18.70
C ALA B 377 -10.53 -20.27 -17.38
N LEU B 378 -11.81 -20.50 -17.04
CA LEU B 378 -12.34 -19.94 -15.79
C LEU B 378 -11.64 -20.54 -14.57
N LEU B 379 -11.40 -21.85 -14.58
CA LEU B 379 -10.68 -22.49 -13.49
C LEU B 379 -9.20 -22.15 -13.50
N THR B 380 -8.65 -21.77 -14.64
CA THR B 380 -7.25 -21.38 -14.73
C THR B 380 -6.99 -19.99 -14.15
N MET B 381 -8.01 -19.13 -14.12
CA MET B 381 -7.81 -17.77 -13.62
C MET B 381 -7.33 -17.72 -12.17
N PRO B 382 -7.95 -18.41 -11.22
CA PRO B 382 -7.49 -18.30 -9.81
C PRO B 382 -6.20 -19.04 -9.53
N ALA B 383 -5.70 -19.86 -10.46
CA ALA B 383 -4.49 -20.64 -10.16
C ALA B 383 -3.28 -19.77 -9.89
N PRO B 384 -2.93 -18.78 -10.73
CA PRO B 384 -1.78 -17.92 -10.38
C PRO B 384 -2.04 -17.04 -9.17
N PHE B 385 -3.28 -16.62 -8.94
CA PHE B 385 -3.58 -15.81 -7.76
C PHE B 385 -3.32 -16.58 -6.49
N LEU B 386 -3.73 -17.85 -6.45
CA LEU B 386 -3.48 -18.69 -5.28
C LEU B 386 -2.02 -19.11 -5.19
N ALA B 387 -1.36 -19.34 -6.32
CA ALA B 387 0.05 -19.71 -6.30
C ALA B 387 0.91 -18.57 -5.76
N ASN B 388 0.60 -17.33 -6.15
CA ASN B 388 1.33 -16.19 -5.62
C ASN B 388 1.13 -16.04 -4.12
N SER B 389 -0.07 -16.33 -3.65
CA SER B 389 -0.38 -16.23 -2.24
C SER B 389 0.38 -17.29 -1.45
N ALA B 390 0.49 -18.50 -2.00
CA ALA B 390 1.21 -19.58 -1.36
C ALA B 390 2.72 -19.35 -1.35
N GLY B 391 3.24 -18.70 -2.40
CA GLY B 391 4.67 -18.46 -2.45
C GLY B 391 5.16 -17.53 -1.36
N TRP B 392 4.44 -16.44 -1.11
CA TRP B 392 4.84 -15.51 -0.06
C TRP B 392 4.53 -16.07 1.32
N VAL B 393 3.48 -16.90 1.44
CA VAL B 393 3.17 -17.51 2.73
C VAL B 393 4.31 -18.41 3.19
N PHE B 394 4.84 -19.23 2.28
CA PHE B 394 5.98 -20.06 2.63
C PHE B 394 7.18 -19.23 3.03
N THR B 395 7.34 -18.05 2.43
CA THR B 395 8.45 -17.17 2.80
C THR B 395 8.29 -16.64 4.22
N GLU B 396 7.07 -16.30 4.61
CA GLU B 396 6.82 -15.68 5.91
C GLU B 396 6.69 -16.71 7.03
N MET B 397 5.96 -17.80 6.79
CA MET B 397 5.87 -18.86 7.80
C MET B 397 7.13 -19.70 7.87
N GLY B 398 7.95 -19.70 6.83
CA GLY B 398 9.19 -20.47 6.86
C GLY B 398 10.29 -19.88 7.70
N ARG B 399 10.23 -18.58 7.97
CA ARG B 399 11.23 -17.90 8.78
C ARG B 399 10.82 -17.78 10.25
N GLN B 400 9.69 -18.36 10.63
CA GLN B 400 9.25 -18.29 12.02
C GLN B 400 10.21 -19.08 12.91
N PRO B 401 10.39 -18.64 14.18
CA PRO B 401 9.75 -17.48 14.79
C PRO B 401 10.59 -16.21 14.68
N TRP B 402 11.42 -16.12 13.64
CA TRP B 402 12.31 -14.97 13.45
C TRP B 402 11.61 -13.92 12.60
N VAL B 403 11.38 -12.75 13.18
CA VAL B 403 10.93 -11.62 12.36
C VAL B 403 12.11 -11.03 11.60
N VAL B 404 13.31 -11.12 12.15
CA VAL B 404 14.54 -10.73 11.47
C VAL B 404 15.47 -11.93 11.58
N VAL B 405 15.57 -12.71 10.50
CA VAL B 405 16.39 -13.92 10.51
C VAL B 405 17.86 -13.54 10.68
N PRO B 406 18.60 -14.17 11.58
CA PRO B 406 20.04 -13.87 11.69
C PRO B 406 20.79 -14.30 10.44
N ASN B 407 21.72 -13.46 10.00
CA ASN B 407 22.51 -13.76 8.82
C ASN B 407 23.62 -14.72 9.18
N PRO B 408 23.69 -15.91 8.57
CA PRO B 408 24.79 -16.84 8.88
C PRO B 408 26.17 -16.26 8.59
N THR B 409 26.31 -15.47 7.52
CA THR B 409 27.57 -14.85 7.18
C THR B 409 27.64 -13.38 7.59
N GLY B 410 26.59 -12.86 8.23
CA GLY B 410 26.58 -11.48 8.65
C GLY B 410 26.70 -11.30 10.15
N ASP B 411 26.13 -10.22 10.68
CA ASP B 411 26.19 -9.96 12.10
C ASP B 411 25.22 -10.88 12.84
N GLN B 412 25.74 -11.65 13.80
CA GLN B 412 24.89 -12.55 14.56
C GLN B 412 23.91 -11.80 15.45
N LEU B 413 24.33 -10.66 16.01
CA LEU B 413 23.49 -9.93 16.95
C LEU B 413 22.33 -9.21 16.26
N VAL B 414 22.39 -9.03 14.94
CA VAL B 414 21.29 -8.39 14.22
C VAL B 414 20.22 -9.44 13.97
N ARG B 415 19.27 -9.57 14.89
CA ARG B 415 18.21 -10.55 14.79
C ARG B 415 17.11 -10.15 15.76
N LEU B 416 15.91 -10.69 15.51
CA LEU B 416 14.77 -10.43 16.38
C LEU B 416 13.73 -11.51 16.15
N THR B 417 13.00 -11.84 17.22
CA THR B 417 11.92 -12.80 17.16
C THR B 417 10.58 -12.09 17.03
N VAL B 418 9.58 -12.85 16.56
CA VAL B 418 8.24 -12.28 16.40
C VAL B 418 7.65 -11.87 17.74
N LYS B 419 7.85 -12.69 18.78
CA LYS B 419 7.34 -12.36 20.10
C LYS B 419 7.96 -11.09 20.66
N ALA B 420 9.26 -10.90 20.45
CA ALA B 420 9.95 -9.72 20.97
C ALA B 420 9.75 -8.48 20.11
N GLY B 421 9.15 -8.62 18.93
CA GLY B 421 8.92 -7.48 18.06
C GLY B 421 7.50 -6.96 18.12
N VAL B 422 6.63 -7.66 18.85
CA VAL B 422 5.23 -7.27 18.93
C VAL B 422 5.08 -6.08 19.88
N SER B 423 3.96 -5.37 19.72
CA SER B 423 3.65 -4.22 20.57
C SER B 423 3.11 -4.70 21.91
N ASP B 424 2.68 -3.75 22.75
CA ASP B 424 2.18 -4.05 24.09
C ASP B 424 0.67 -3.82 24.19
N HIS B 425 -0.06 -4.19 23.15
CA HIS B 425 -1.51 -4.05 23.17
C HIS B 425 -2.14 -5.18 23.97
N SER B 426 -3.44 -5.08 24.17
CA SER B 426 -4.20 -6.12 24.85
C SER B 426 -4.81 -7.08 23.84
N ALA B 427 -5.34 -8.20 24.34
CA ALA B 427 -5.90 -9.21 23.46
C ALA B 427 -7.21 -8.77 22.82
N THR B 428 -7.90 -7.79 23.40
CA THR B 428 -9.17 -7.34 22.85
C THR B 428 -9.02 -6.23 21.83
N VAL B 429 -7.99 -5.38 21.96
CA VAL B 429 -7.80 -4.30 21.01
C VAL B 429 -7.35 -4.85 19.65
N VAL B 430 -6.39 -5.78 19.65
CA VAL B 430 -5.92 -6.36 18.39
C VAL B 430 -7.01 -7.22 17.75
N ALA B 431 -7.77 -7.95 18.56
CA ALA B 431 -8.84 -8.79 18.02
C ALA B 431 -9.91 -7.96 17.33
N THR B 432 -10.28 -6.82 17.93
CA THR B 432 -11.28 -5.95 17.30
C THR B 432 -10.78 -5.42 15.95
N SER B 433 -9.51 -5.01 15.90
CA SER B 433 -8.94 -4.55 14.63
C SER B 433 -8.84 -5.70 13.64
N LEU B 434 -8.43 -6.89 14.10
CA LEU B 434 -8.36 -8.05 13.23
C LEU B 434 -9.74 -8.42 12.68
N LEU B 435 -10.76 -8.39 13.54
CA LEU B 435 -12.10 -8.73 13.09
C LEU B 435 -12.61 -7.73 12.06
N MET B 436 -12.40 -6.43 12.29
CA MET B 436 -12.94 -5.42 11.40
C MET B 436 -12.15 -5.37 10.09
N PHE B 437 -10.84 -5.66 10.16
CA PHE B 437 -10.05 -5.79 8.94
C PHE B 437 -10.53 -6.94 8.08
N THR B 438 -10.87 -8.08 8.69
CA THR B 438 -11.22 -9.26 7.91
C THR B 438 -12.55 -9.08 7.18
N LEU B 439 -13.58 -8.60 7.87
CA LEU B 439 -14.89 -8.46 7.24
C LEU B 439 -14.88 -7.38 6.16
N VAL B 440 -14.22 -6.25 6.42
CA VAL B 440 -14.19 -5.17 5.44
C VAL B 440 -13.48 -5.62 4.16
N TYR B 441 -12.34 -6.30 4.30
CA TYR B 441 -11.64 -6.81 3.12
C TYR B 441 -12.43 -7.92 2.45
N ALA B 442 -13.12 -8.76 3.23
CA ALA B 442 -13.91 -9.84 2.63
C ALA B 442 -15.06 -9.30 1.79
N VAL B 443 -15.74 -8.25 2.28
CA VAL B 443 -16.82 -7.65 1.51
C VAL B 443 -16.28 -7.02 0.23
N LEU B 444 -15.16 -6.30 0.33
CA LEU B 444 -14.56 -5.69 -0.85
C LEU B 444 -14.05 -6.74 -1.84
N ALA B 445 -13.53 -7.86 -1.33
CA ALA B 445 -13.06 -8.92 -2.22
C ALA B 445 -14.22 -9.52 -3.02
N VAL B 446 -15.37 -9.72 -2.37
CA VAL B 446 -16.54 -10.23 -3.08
C VAL B 446 -17.01 -9.22 -4.12
N ILE B 447 -17.05 -7.94 -3.75
CA ILE B 447 -17.43 -6.91 -4.71
C ILE B 447 -16.42 -6.83 -5.84
N TRP B 448 -15.13 -6.94 -5.53
CA TRP B 448 -14.11 -6.91 -6.58
C TRP B 448 -14.26 -8.08 -7.54
N CYS B 449 -14.52 -9.28 -7.00
CA CYS B 449 -14.73 -10.44 -7.87
C CYS B 449 -16.01 -10.29 -8.69
N TRP B 450 -17.07 -9.75 -8.08
CA TRP B 450 -18.33 -9.56 -8.80
C TRP B 450 -18.20 -8.49 -9.87
N LEU B 451 -17.46 -7.42 -9.59
CA LEU B 451 -17.29 -6.36 -10.58
C LEU B 451 -16.54 -6.86 -11.82
N LEU B 452 -15.49 -7.66 -11.62
CA LEU B 452 -14.77 -8.23 -12.75
C LEU B 452 -15.66 -9.16 -13.57
N LYS B 453 -16.47 -9.97 -12.90
CA LYS B 453 -17.37 -10.88 -13.61
C LYS B 453 -18.39 -10.11 -14.44
N ARG B 454 -18.92 -9.01 -13.90
CA ARG B 454 -19.89 -8.23 -14.63
C ARG B 454 -19.31 -7.61 -15.90
N TYR B 455 -18.07 -7.13 -15.84
CA TYR B 455 -17.46 -6.49 -17.00
C TYR B 455 -16.87 -7.49 -17.99
N ILE B 456 -16.46 -8.67 -17.53
CA ILE B 456 -15.93 -9.68 -18.45
C ILE B 456 -17.03 -10.20 -19.36
N VAL B 457 -18.20 -10.53 -18.78
CA VAL B 457 -19.30 -11.04 -19.60
C VAL B 457 -19.89 -9.92 -20.45
N GLU B 458 -19.78 -8.68 -20.01
CA GLU B 458 -20.31 -7.56 -20.80
C GLU B 458 -19.42 -7.26 -21.99
N GLY B 459 -18.09 -7.34 -21.80
CA GLY B 459 -17.17 -7.05 -22.87
C GLY B 459 -17.06 -5.57 -23.15
N PRO B 460 -16.65 -5.22 -24.38
CA PRO B 460 -16.52 -3.82 -24.82
C PRO B 460 -17.84 -3.07 -24.80
O1 OXY C . 5.12 -1.31 -2.27
O2 OXY C . 5.74 -1.20 -1.24
C5 MQ9 D . -1.62 -18.50 7.81
C5M MQ9 D . -2.05 -19.38 6.59
C4 MQ9 D . -1.07 -19.22 9.02
O4 MQ9 D . -1.00 -20.38 9.00
C3 MQ9 D . -0.61 -18.41 10.30
C2 MQ9 D . -0.70 -17.02 10.30
C1 MQ9 D . -1.26 -16.26 9.05
O1 MQ9 D . -1.32 -15.11 9.07
C6 MQ9 D . -1.71 -17.00 7.83
C3A MQ9 D . -0.11 -19.09 11.39
C3B MQ9 D . 0.29 -18.37 12.51
C3C MQ9 D . 0.20 -16.96 12.51
C3D MQ9 D . -0.29 -16.30 11.42
C7 MQ9 D . -2.25 -16.11 6.67
C8 MQ9 D . -2.45 -16.87 5.30
C9 MQ9 D . -3.68 -17.17 4.84
C10 MQ9 D . -3.82 -17.91 3.51
C11 MQ9 D . -4.97 -16.76 5.62
C12 MQ9 D . -5.75 -15.70 4.73
C13 MQ9 D . -7.24 -15.61 5.16
C14 MQ9 D . -8.11 -14.96 4.38
C15 MQ9 D . -9.57 -14.85 4.77
C16 MQ9 D . -7.60 -14.30 3.07
C17 MQ9 D . -8.14 -15.16 1.84
C18 MQ9 D . -9.47 -14.53 1.30
C19 MQ9 D . -9.67 -14.40 -0.05
C20 MQ9 D . -10.98 -13.76 -0.56
C21 MQ9 D . -8.59 -14.90 -1.08
C22 MQ9 D . -8.62 -16.46 -1.24
C23 MQ9 D . -7.68 -17.11 -0.19
C24 MQ9 D . -6.37 -17.10 -0.35
C25 MQ9 D . -5.74 -16.42 -1.58
C26 MQ9 D . -5.48 -17.73 0.73
C27 MQ9 D . -4.49 -18.79 0.18
C28 MQ9 D . -4.17 -19.73 1.34
C29 MQ9 D . -2.96 -20.27 1.53
C30 MQ9 D . -1.84 -19.96 0.57
C31 MQ9 D . -2.72 -21.19 2.75
C32 MQ9 D . -1.22 -21.75 2.75
C33 MQ9 D . -1.23 -23.08 1.98
C34 MQ9 D . -1.67 -24.21 2.58
C35 MQ9 D . -2.17 -24.18 4.05
C36 MQ9 D . -1.67 -25.54 1.78
C37 MQ9 D . -3.16 -26.01 1.51
C38 MQ9 D . -3.30 -27.50 1.95
C39 MQ9 D . -3.63 -28.49 1.03
C40 MQ9 D . -3.77 -29.92 1.51
C41 MQ9 D . -3.89 -28.15 -0.44
C42 MQ9 D . -2.74 -27.23 -1.04
C43 MQ9 D . -1.56 -28.12 -1.58
C44 MQ9 D . -1.48 -28.45 -2.90
C45 MQ9 D . -0.32 -29.32 -3.39
C46 MQ9 D . -2.55 -27.99 -3.91
C47 MQ9 D . -1.86 -27.03 -4.98
C48 MQ9 D . -1.44 -27.83 -6.23
C49 MQ9 D . -2.36 -28.33 -7.06
C50 MQ9 D . -3.86 -28.13 -6.77
C51 MQ9 D . -1.91 -29.12 -8.31
FE HDD E . 2.08 -2.54 -1.75
CHA HDD E . 0.10 -0.45 -3.27
CHB HDD E . 2.33 -0.45 1.00
CHC HDD E . 3.62 -5.09 0.01
CHD HDD E . 3.09 -3.82 -4.58
NA HDD E . 1.32 -0.70 -1.19
C1A HDD E . 0.51 0.02 -1.94
C2A HDD E . 0.07 1.31 -1.40
C3A HDD E . 0.74 1.32 -0.10
C4A HDD E . 1.49 0.03 -0.10
CMA HDD E . 0.67 2.39 0.94
CAA HDD E . -0.83 2.33 -2.01
CBA HDD E . -0.05 3.56 -2.39
CGA HDD E . -0.79 4.38 -3.42
O1A HDD E . -1.57 5.28 -3.06
O2A HDD E . -0.61 4.12 -4.63
NB HDD E . 2.85 -2.75 0.18
C1B HDD E . 2.86 -1.80 1.13
C2B HDD E . 3.46 -2.22 2.39
C3B HDD E . 3.85 -3.60 2.13
C4B HDD E . 3.43 -3.82 0.74
CMB HDD E . 3.60 -1.37 3.60
CAB HDD E . 4.51 -4.50 3.09
CBB HDD E . 4.05 -4.81 4.29
NC HDD E . 3.20 -4.23 -2.19
C1C HDD E . 3.76 -5.16 -1.43
C2C HDD E . 4.50 -6.23 -2.15
C3C HDD E . 4.31 -5.79 -3.53
C4C HDD E . 3.52 -4.58 -3.41
CMC HDD E . 5.24 -7.42 -1.63
CAC HDD E . 4.77 -6.36 -4.82
CBC HDD E . 5.72 -7.25 -4.95
ND HDD E . 1.61 -2.29 -3.51
C1D HDD E . 2.13 -2.91 -4.56
C2D HDD E . 1.76 -2.28 -5.84
C3D HDD E . 0.51 -1.57 -5.41
C4D HDD E . 0.68 -1.45 -3.93
CMD HDD E . 1.58 -3.37 -6.87
CAD HDD E . -0.79 -2.27 -5.74
CBD HDD E . -1.62 -1.28 -6.55
CGD HDD E . -0.87 0.00 -6.37
O1D HDD E . 0.44 -0.24 -5.85
O2D HDD E . -1.27 1.12 -6.61
OND HDD E . 2.81 -1.46 -6.31
FE HEB F . 4.43 -10.36 5.57
CHA HEB F . 4.01 -11.67 9.04
CHB HEB F . 2.01 -12.85 4.30
CHC HEB F . 4.89 -9.03 2.16
CHD HEB F . 6.94 -7.76 6.77
NA HEB F . 3.30 -11.89 6.50
C1A HEB F . 3.28 -12.25 7.90
C2A HEB F . 2.41 -13.23 7.86
C3A HEB F . 1.89 -13.59 6.80
C4A HEB F . 2.33 -12.84 5.75
CMA HEB F . 0.88 -14.72 6.64
CAA HEB F . 2.07 -13.95 9.17
CBA HEB F . 3.12 -15.05 9.36
CGA HEB F . 3.19 -15.47 10.82
O1A HEB F . 3.21 -14.60 11.73
O2A HEB F . 3.26 -16.70 11.12
NB HEB F . 3.62 -10.84 3.63
C1B HEB F . 2.64 -11.91 3.34
C2B HEB F . 2.52 -11.73 2.06
C3B HEB F . 3.17 -10.85 1.48
C4B HEB F . 3.96 -10.14 2.35
CMB HEB F . 1.58 -12.62 1.30
CAB HEB F . 3.10 -10.56 0.00
CBB HEB F . 2.42 -9.23 -0.21
NC HEB F . 5.67 -8.76 4.78
C1C HEB F . 5.67 -8.40 3.31
C2C HEB F . 6.47 -7.47 3.26
C3C HEB F . 7.02 -7.08 4.29
C4C HEB F . 6.60 -7.85 5.43
CMC HEB F . 6.76 -6.83 1.92
CAC HEB F . 8.02 -5.95 4.35
CBC HEB F . 7.47 -4.54 4.26
ND HEB F . 5.40 -9.74 7.62
C1D HEB F . 6.37 -8.67 7.81
C2D HEB F . 6.51 -8.82 9.13
C3D HEB F . 5.84 -9.77 9.88
C4D HEB F . 5.01 -10.48 8.90
CMD HEB F . 7.45 -7.90 9.86
CAD HEB F . 5.94 -10.02 11.38
CBD HEB F . 6.65 -11.33 11.64
CGD HEB F . 5.62 -12.44 11.84
O1D HEB F . 5.84 -13.58 11.37
O2D HEB F . 4.56 -12.20 12.47
FE HEB G . 8.04 -19.65 -6.19
CHA HEB G . 9.42 -17.71 -3.30
CHB HEB G . 10.86 -22.02 -6.00
CHC HEB G . 6.61 -21.51 -9.04
CHD HEB G . 5.09 -17.25 -6.47
NA HEB G . 9.74 -19.78 -4.91
C1A HEB G . 10.10 -18.91 -3.82
C2A HEB G . 11.22 -19.51 -3.44
C3A HEB G . 11.63 -20.53 -4.02
C4A HEB G . 10.81 -20.90 -5.03
CMA HEB G . 12.90 -21.27 -3.64
CAA HEB G . 12.01 -18.93 -2.27
CBA HEB G . 11.35 -19.27 -0.93
CGA HEB G . 11.83 -18.27 0.11
O1A HEB G . 11.14 -18.07 1.14
O2A HEB G . 12.92 -17.66 -0.05
NB HEB G . 8.62 -21.40 -7.30
C1B HEB G . 9.82 -22.22 -7.05
C2B HEB G . 9.66 -23.11 -7.98
C3B HEB G . 8.68 -23.07 -8.74
C4B HEB G . 7.86 -22.00 -8.46
CMB HEB G . 10.68 -24.21 -8.13
CAB HEB G . 8.44 -24.07 -9.86
CBB HEB G . 7.19 -24.88 -9.60
NC HEB G . 6.26 -19.34 -7.40
C1C HEB G . 5.88 -20.27 -8.54
C2C HEB G . 4.84 -19.76 -8.94
C3C HEB G . 4.39 -18.75 -8.41
C4C HEB G . 5.21 -18.32 -7.33
CMC HEB G . 4.10 -20.39 -10.11
CAC HEB G . 3.11 -18.07 -8.83
CBC HEB G . 3.28 -17.05 -9.95
ND HEB G . 7.29 -17.71 -5.08
C1D HEB G . 6.10 -16.97 -5.38
C2D HEB G . 6.22 -16.04 -4.45
C3D HEB G . 7.27 -16.00 -3.54
C4D HEB G . 8.10 -17.16 -3.90
CMD HEB G . 5.15 -14.98 -4.38
CAD HEB G . 7.52 -14.98 -2.43
CBD HEB G . 8.39 -13.86 -2.95
CGD HEB G . 9.82 -14.37 -3.09
O1D HEB G . 10.38 -14.35 -4.21
O2D HEB G . 10.44 -14.80 -2.08
#